data_1RY3
#
_entry.id   1RY3
#
_cell.length_a   1.000
_cell.length_b   1.000
_cell.length_c   1.000
_cell.angle_alpha   90.00
_cell.angle_beta   90.00
_cell.angle_gamma   90.00
#
_symmetry.space_group_name_H-M   'P 1'
#
_entity_poly.entity_id   1
_entity_poly.type   'polypeptide(L)'
_entity_poly.pdbx_seq_one_letter_code
;MNSVKELNVKEMKQLHGGVNYGNGVSCSKTKCSVNWGQAFQERYTAGINSFVSGVASGAGSIGR
;
_entity_poly.pdbx_strand_id   A
#
# COMPACT_ATOMS: atom_id res chain seq x y z
N MET A 1 -3.59 20.75 -23.23
CA MET A 1 -4.21 19.43 -23.56
C MET A 1 -5.65 19.36 -23.06
N ASN A 2 -6.59 19.55 -23.97
CA ASN A 2 -8.01 19.50 -23.63
C ASN A 2 -8.55 18.09 -23.75
N SER A 3 -7.89 17.15 -23.07
CA SER A 3 -8.30 15.75 -23.10
C SER A 3 -9.34 15.47 -22.01
N VAL A 4 -10.16 14.46 -22.24
CA VAL A 4 -11.19 14.08 -21.28
C VAL A 4 -10.70 12.97 -20.38
N LYS A 5 -9.73 12.20 -20.86
CA LYS A 5 -9.16 11.12 -20.08
C LYS A 5 -8.10 11.69 -19.14
N GLU A 6 -7.43 12.75 -19.61
CA GLU A 6 -6.40 13.41 -18.81
C GLU A 6 -7.06 14.28 -17.75
N LEU A 7 -8.12 14.97 -18.14
CA LEU A 7 -8.84 15.83 -17.22
C LEU A 7 -9.68 15.01 -16.24
N ASN A 8 -9.98 13.77 -16.62
CA ASN A 8 -10.78 12.89 -15.77
C ASN A 8 -10.04 12.55 -14.48
N VAL A 9 -8.73 12.39 -14.60
CA VAL A 9 -7.89 12.06 -13.46
C VAL A 9 -7.74 13.27 -12.53
N LYS A 10 -7.41 14.41 -13.12
CA LYS A 10 -7.23 15.64 -12.35
C LYS A 10 -8.52 16.01 -11.62
N GLU A 11 -9.65 15.82 -12.30
CA GLU A 11 -10.95 16.12 -11.72
C GLU A 11 -11.17 15.33 -10.44
N MET A 12 -11.28 14.02 -10.59
CA MET A 12 -11.50 13.13 -9.46
C MET A 12 -10.49 13.40 -8.35
N LYS A 13 -9.29 13.82 -8.74
CA LYS A 13 -8.23 14.12 -7.77
C LYS A 13 -8.71 15.11 -6.73
N GLN A 14 -9.01 16.33 -7.16
CA GLN A 14 -9.48 17.36 -6.25
C GLN A 14 -10.99 17.28 -6.04
N LEU A 15 -11.56 16.15 -6.37
CA LEU A 15 -13.00 15.93 -6.21
C LEU A 15 -13.31 15.37 -4.83
N HIS A 16 -12.64 14.26 -4.52
CA HIS A 16 -12.82 13.60 -3.24
C HIS A 16 -12.43 14.53 -2.08
N GLY A 17 -11.62 15.53 -2.39
CA GLY A 17 -11.18 16.47 -1.37
C GLY A 17 -9.68 16.44 -1.17
N GLY A 18 -9.24 16.58 0.08
CA GLY A 18 -7.82 16.57 0.38
C GLY A 18 -7.54 16.44 1.86
N VAL A 19 -6.35 15.96 2.19
CA VAL A 19 -5.96 15.79 3.59
C VAL A 19 -4.83 16.74 3.96
N ASN A 20 -4.62 16.93 5.26
CA ASN A 20 -3.57 17.81 5.75
C ASN A 20 -2.88 17.22 6.97
N TYR A 21 -2.00 16.26 6.73
CA TYR A 21 -1.28 15.59 7.82
C TYR A 21 -2.25 14.86 8.73
N GLY A 22 -2.85 13.79 8.22
CA GLY A 22 -3.79 13.01 8.99
C GLY A 22 -3.11 11.85 9.72
N ASN A 23 -2.07 12.16 10.48
CA ASN A 23 -1.34 11.14 11.23
C ASN A 23 -1.90 10.97 12.64
N GLY A 24 -2.64 11.98 13.09
CA GLY A 24 -3.22 11.93 14.43
C GLY A 24 -4.65 11.41 14.42
N VAL A 25 -4.85 10.22 13.85
CA VAL A 25 -6.17 9.62 13.78
C VAL A 25 -6.49 8.86 15.07
N SER A 26 -7.77 8.59 15.29
CA SER A 26 -8.20 7.86 16.48
C SER A 26 -9.18 6.75 16.13
N CYS A 27 -9.62 6.02 17.14
CA CYS A 27 -10.56 4.92 16.95
C CYS A 27 -11.98 5.44 16.79
N SER A 28 -12.57 5.21 15.62
CA SER A 28 -13.93 5.66 15.35
C SER A 28 -14.54 4.89 14.18
N LYS A 29 -15.52 4.05 14.48
CA LYS A 29 -16.21 3.26 13.47
C LYS A 29 -15.29 2.22 12.82
N THR A 30 -13.98 2.37 13.02
CA THR A 30 -13.02 1.45 12.45
C THR A 30 -11.76 1.38 13.32
N LYS A 31 -10.94 0.36 13.11
CA LYS A 31 -9.71 0.21 13.88
C LYS A 31 -8.86 1.47 13.82
N CYS A 32 -8.14 1.74 14.90
CA CYS A 32 -7.27 2.92 14.96
C CYS A 32 -5.81 2.54 14.79
N SER A 33 -5.53 1.76 13.73
CA SER A 33 -4.17 1.33 13.44
C SER A 33 -3.82 1.56 11.98
N VAL A 34 -2.55 1.85 11.72
CA VAL A 34 -2.10 2.09 10.36
C VAL A 34 -1.03 1.08 9.94
N ASN A 35 -0.90 0.87 8.64
CA ASN A 35 0.08 -0.06 8.10
C ASN A 35 1.23 0.68 7.45
N TRP A 36 1.95 1.47 8.25
CA TRP A 36 3.08 2.25 7.75
C TRP A 36 4.33 1.39 7.55
N GLY A 37 4.18 0.07 7.63
CA GLY A 37 5.30 -0.82 7.45
C GLY A 37 5.17 -1.65 6.18
N GLN A 38 4.18 -2.54 6.17
CA GLN A 38 3.94 -3.39 5.01
C GLN A 38 3.77 -2.55 3.75
N ALA A 39 2.71 -1.75 3.71
CA ALA A 39 2.47 -0.90 2.55
C ALA A 39 3.55 0.15 2.38
N PHE A 40 4.46 0.17 3.32
CA PHE A 40 5.59 1.08 3.28
C PHE A 40 6.52 0.59 2.19
N GLN A 41 6.66 -0.73 2.15
CA GLN A 41 7.46 -1.38 1.13
C GLN A 41 6.71 -1.38 -0.19
N GLU A 42 5.37 -1.24 -0.10
CA GLU A 42 4.52 -1.20 -1.28
C GLU A 42 4.81 0.04 -2.12
N ARG A 43 4.76 1.20 -1.47
CA ARG A 43 5.01 2.47 -2.15
C ARG A 43 6.43 2.52 -2.70
N TYR A 44 7.33 1.80 -2.05
CA TYR A 44 8.72 1.76 -2.48
C TYR A 44 8.86 1.05 -3.82
N THR A 45 8.03 0.04 -4.03
CA THR A 45 8.05 -0.72 -5.28
C THR A 45 7.33 0.05 -6.39
N ALA A 46 6.15 0.56 -6.08
CA ALA A 46 5.37 1.31 -7.05
C ALA A 46 6.09 2.61 -7.45
N GLY A 47 6.86 3.16 -6.52
CA GLY A 47 7.58 4.38 -6.79
C GLY A 47 8.71 4.18 -7.78
N ILE A 48 9.61 3.25 -7.47
CA ILE A 48 10.74 2.96 -8.35
C ILE A 48 10.26 2.51 -9.72
N ASN A 49 9.13 1.81 -9.76
CA ASN A 49 8.57 1.33 -11.02
C ASN A 49 8.37 2.49 -11.99
N SER A 50 7.61 3.49 -11.56
CA SER A 50 7.35 4.66 -12.39
C SER A 50 8.65 5.39 -12.71
N PHE A 51 9.58 5.36 -11.77
CA PHE A 51 10.87 6.01 -11.95
C PHE A 51 11.66 5.36 -13.08
N VAL A 52 11.61 4.03 -13.14
CA VAL A 52 12.31 3.29 -14.19
C VAL A 52 11.91 3.78 -15.57
N SER A 53 10.72 3.41 -16.02
CA SER A 53 10.24 3.81 -17.33
C SER A 53 10.43 5.28 -17.60
N GLY A 54 9.91 6.12 -16.72
CA GLY A 54 10.10 7.55 -16.91
C GLY A 54 11.45 7.81 -17.53
N VAL A 55 12.45 7.11 -17.01
CA VAL A 55 13.81 7.18 -17.49
C VAL A 55 14.08 6.12 -18.56
N ALA A 56 14.15 4.86 -18.11
CA ALA A 56 14.45 3.73 -18.98
C ALA A 56 13.25 3.16 -19.72
N SER A 57 12.45 2.44 -18.97
CA SER A 57 11.28 1.75 -19.49
C SER A 57 10.21 2.67 -20.09
N GLY A 58 10.50 3.97 -20.18
CA GLY A 58 9.54 4.90 -20.73
C GLY A 58 10.07 5.62 -21.95
N ALA A 59 11.26 6.20 -21.82
CA ALA A 59 11.88 6.94 -22.92
C ALA A 59 10.94 8.01 -23.47
N GLY A 60 10.22 8.67 -22.57
CA GLY A 60 9.29 9.71 -22.97
C GLY A 60 9.24 10.86 -21.99
N SER A 61 10.37 11.14 -21.35
CA SER A 61 10.46 12.23 -20.38
C SER A 61 11.12 13.46 -20.99
N ILE A 62 11.91 13.24 -22.04
CA ILE A 62 12.61 14.32 -22.73
C ILE A 62 13.24 15.30 -21.74
N GLY A 63 13.90 14.77 -20.73
CA GLY A 63 14.54 15.61 -19.72
C GLY A 63 16.05 15.51 -19.76
N ARG A 64 16.60 15.23 -20.95
CA ARG A 64 18.05 15.10 -21.12
C ARG A 64 18.68 14.30 -19.99
N MET A 1 -12.50 34.57 -23.28
CA MET A 1 -11.47 33.70 -22.66
C MET A 1 -10.86 34.36 -21.43
N ASN A 2 -10.89 35.69 -21.40
CA ASN A 2 -10.34 36.45 -20.28
C ASN A 2 -11.38 36.65 -19.19
N SER A 3 -11.54 35.65 -18.33
CA SER A 3 -12.51 35.72 -17.25
C SER A 3 -11.95 36.48 -16.05
N VAL A 4 -12.74 37.40 -15.51
CA VAL A 4 -12.31 38.18 -14.36
C VAL A 4 -12.82 37.55 -13.07
N LYS A 5 -13.91 36.82 -13.18
CA LYS A 5 -14.47 36.13 -12.02
C LYS A 5 -13.68 34.86 -11.77
N GLU A 6 -13.25 34.23 -12.86
CA GLU A 6 -12.46 33.02 -12.78
C GLU A 6 -11.05 33.36 -12.34
N LEU A 7 -10.54 34.46 -12.87
CA LEU A 7 -9.21 34.93 -12.52
C LEU A 7 -9.14 35.33 -11.06
N ASN A 8 -10.27 35.77 -10.52
CA ASN A 8 -10.34 36.19 -9.13
C ASN A 8 -10.33 34.99 -8.19
N VAL A 9 -10.81 33.86 -8.69
CA VAL A 9 -10.86 32.63 -7.91
C VAL A 9 -9.47 32.02 -7.76
N LYS A 10 -8.65 32.16 -8.80
CA LYS A 10 -7.29 31.62 -8.79
C LYS A 10 -6.48 32.23 -7.66
N GLU A 11 -6.79 33.47 -7.31
CA GLU A 11 -6.08 34.17 -6.23
C GLU A 11 -6.21 33.41 -4.92
N MET A 12 -7.42 33.40 -4.38
CA MET A 12 -7.70 32.71 -3.14
C MET A 12 -7.28 31.24 -3.21
N LYS A 13 -7.35 30.67 -4.41
CA LYS A 13 -6.97 29.28 -4.62
C LYS A 13 -5.57 29.01 -4.10
N GLN A 14 -4.58 29.69 -4.67
CA GLN A 14 -3.20 29.52 -4.25
C GLN A 14 -2.87 30.42 -3.07
N LEU A 15 -3.91 30.91 -2.40
CA LEU A 15 -3.74 31.77 -1.23
C LEU A 15 -3.68 30.93 0.03
N HIS A 16 -4.59 29.98 0.11
CA HIS A 16 -4.67 29.08 1.25
C HIS A 16 -4.26 27.66 0.87
N GLY A 17 -3.41 27.55 -0.15
CA GLY A 17 -2.95 26.25 -0.60
C GLY A 17 -2.27 25.47 0.50
N GLY A 18 -2.80 24.28 0.80
CA GLY A 18 -2.21 23.45 1.83
C GLY A 18 -3.16 22.36 2.30
N VAL A 19 -3.19 21.25 1.59
CA VAL A 19 -4.06 20.13 1.94
C VAL A 19 -3.27 19.02 2.64
N ASN A 20 -3.75 18.60 3.81
CA ASN A 20 -3.09 17.55 4.57
C ASN A 20 -4.04 16.96 5.60
N TYR A 21 -5.31 16.83 5.24
CA TYR A 21 -6.32 16.28 6.13
C TYR A 21 -7.67 16.21 5.42
N GLY A 22 -7.65 15.83 4.15
CA GLY A 22 -8.87 15.73 3.38
C GLY A 22 -8.71 14.86 2.14
N ASN A 23 -8.12 13.69 2.32
CA ASN A 23 -7.90 12.77 1.20
C ASN A 23 -8.82 11.56 1.30
N GLY A 24 -9.33 11.30 2.51
CA GLY A 24 -10.22 10.18 2.70
C GLY A 24 -10.14 9.61 4.11
N VAL A 25 -10.39 10.46 5.10
CA VAL A 25 -10.35 10.03 6.49
C VAL A 25 -11.55 9.19 6.86
N SER A 26 -11.46 8.45 7.95
CA SER A 26 -12.55 7.61 8.42
C SER A 26 -13.04 6.68 7.30
N CYS A 27 -14.04 5.87 7.61
CA CYS A 27 -14.60 4.94 6.64
C CYS A 27 -15.50 5.67 5.63
N SER A 28 -15.22 5.47 4.36
CA SER A 28 -16.01 6.11 3.30
C SER A 28 -15.68 5.50 1.95
N LYS A 29 -16.61 4.73 1.40
CA LYS A 29 -16.43 4.08 0.11
C LYS A 29 -15.27 3.08 0.11
N THR A 30 -14.50 3.06 1.20
CA THR A 30 -13.37 2.16 1.31
C THR A 30 -13.09 1.83 2.78
N LYS A 31 -12.31 0.78 3.02
CA LYS A 31 -11.98 0.39 4.38
C LYS A 31 -11.24 1.51 5.11
N CYS A 32 -11.56 1.69 6.38
CA CYS A 32 -10.92 2.73 7.19
C CYS A 32 -9.76 2.16 8.01
N SER A 33 -8.87 1.44 7.34
CA SER A 33 -7.73 0.84 8.01
C SER A 33 -6.44 1.12 7.24
N VAL A 34 -5.78 2.22 7.58
CA VAL A 34 -4.54 2.61 6.94
C VAL A 34 -3.47 1.53 7.08
N ASN A 35 -2.48 1.57 6.19
CA ASN A 35 -1.40 0.60 6.21
C ASN A 35 -0.05 1.28 5.99
N TRP A 36 0.46 1.93 7.03
CA TRP A 36 1.73 2.63 6.94
C TRP A 36 2.92 1.67 7.00
N GLY A 37 2.64 0.37 7.02
CA GLY A 37 3.71 -0.62 7.06
C GLY A 37 3.75 -1.46 5.80
N GLN A 38 2.67 -2.17 5.54
CA GLN A 38 2.58 -3.02 4.35
C GLN A 38 2.83 -2.19 3.09
N ALA A 39 1.93 -1.25 2.82
CA ALA A 39 2.10 -0.41 1.63
C ALA A 39 3.32 0.47 1.71
N PHE A 40 3.99 0.40 2.84
CA PHE A 40 5.23 1.14 3.04
C PHE A 40 6.28 0.48 2.17
N GLN A 41 6.25 -0.84 2.20
CA GLN A 41 7.15 -1.64 1.39
C GLN A 41 6.70 -1.57 -0.07
N GLU A 42 5.42 -1.25 -0.28
CA GLU A 42 4.84 -1.13 -1.60
C GLU A 42 5.38 0.10 -2.32
N ARG A 43 5.35 1.24 -1.64
CA ARG A 43 5.84 2.50 -2.20
C ARG A 43 7.27 2.36 -2.70
N TYR A 44 8.02 1.48 -2.07
CA TYR A 44 9.41 1.25 -2.46
C TYR A 44 9.49 0.68 -3.87
N THR A 45 8.68 -0.35 -4.13
CA THR A 45 8.64 -0.98 -5.44
C THR A 45 7.83 -0.13 -6.43
N ALA A 46 6.73 0.42 -5.95
CA ALA A 46 5.86 1.25 -6.78
C ALA A 46 6.54 2.57 -7.13
N GLY A 47 7.32 3.09 -6.20
CA GLY A 47 8.01 4.35 -6.43
C GLY A 47 9.07 4.23 -7.51
N ILE A 48 10.00 3.31 -7.31
CA ILE A 48 11.08 3.09 -8.27
C ILE A 48 10.52 2.69 -9.63
N ASN A 49 9.35 2.07 -9.63
CA ASN A 49 8.69 1.64 -10.87
C ASN A 49 8.52 2.81 -11.82
N SER A 50 7.67 3.77 -11.43
CA SER A 50 7.43 4.94 -12.25
C SER A 50 8.74 5.67 -12.55
N PHE A 51 9.67 5.60 -11.61
CA PHE A 51 10.97 6.23 -11.77
C PHE A 51 11.73 5.62 -12.94
N VAL A 52 11.96 4.31 -12.87
CA VAL A 52 12.66 3.60 -13.93
C VAL A 52 11.99 3.84 -15.28
N SER A 53 10.85 3.19 -15.50
CA SER A 53 10.13 3.32 -16.74
C SER A 53 9.97 4.76 -17.17
N GLY A 54 9.44 5.60 -16.28
CA GLY A 54 9.28 6.99 -16.62
C GLY A 54 10.45 7.42 -17.49
N VAL A 55 11.64 6.98 -17.09
CA VAL A 55 12.86 7.25 -17.81
C VAL A 55 13.17 6.12 -18.82
N ALA A 56 13.58 4.97 -18.28
CA ALA A 56 13.98 3.83 -19.09
C ALA A 56 12.82 2.95 -19.55
N SER A 57 12.31 2.19 -18.59
CA SER A 57 11.25 1.22 -18.82
C SER A 57 9.92 1.83 -19.29
N GLY A 58 9.92 3.13 -19.56
CA GLY A 58 8.70 3.78 -20.01
C GLY A 58 8.95 4.81 -21.09
N ALA A 59 9.62 5.89 -20.74
CA ALA A 59 9.93 6.96 -21.69
C ALA A 59 8.67 7.49 -22.34
N GLY A 60 7.72 7.93 -21.51
CA GLY A 60 6.47 8.46 -22.03
C GLY A 60 5.45 7.38 -22.32
N SER A 61 4.88 6.80 -21.27
CA SER A 61 3.88 5.76 -21.41
C SER A 61 2.50 6.26 -21.02
N ILE A 62 2.04 7.30 -21.70
CA ILE A 62 0.73 7.89 -21.43
C ILE A 62 0.48 8.05 -19.94
N GLY A 63 1.52 8.43 -19.21
CA GLY A 63 1.40 8.62 -17.78
C GLY A 63 1.18 10.07 -17.39
N ARG A 64 2.02 10.58 -16.51
CA ARG A 64 1.91 11.95 -16.06
C ARG A 64 0.57 12.20 -15.37
N MET A 1 -13.71 -9.48 -27.43
CA MET A 1 -12.41 -10.20 -27.38
C MET A 1 -12.02 -10.54 -25.95
N ASN A 2 -10.89 -11.22 -25.79
CA ASN A 2 -10.40 -11.60 -24.47
C ASN A 2 -9.51 -10.51 -23.89
N SER A 3 -10.04 -9.30 -23.83
CA SER A 3 -9.29 -8.16 -23.28
C SER A 3 -9.20 -8.23 -21.77
N VAL A 4 -8.00 -8.00 -21.24
CA VAL A 4 -7.79 -8.04 -19.80
C VAL A 4 -7.89 -6.65 -19.21
N LYS A 5 -7.64 -5.64 -20.03
CA LYS A 5 -7.73 -4.26 -19.60
C LYS A 5 -9.19 -3.81 -19.67
N GLU A 6 -9.92 -4.39 -20.62
CA GLU A 6 -11.33 -4.09 -20.80
C GLU A 6 -12.16 -4.80 -19.73
N LEU A 7 -11.80 -6.04 -19.47
CA LEU A 7 -12.49 -6.83 -18.46
C LEU A 7 -12.15 -6.36 -17.05
N ASN A 8 -11.00 -5.71 -16.92
CA ASN A 8 -10.56 -5.20 -15.62
C ASN A 8 -11.31 -3.94 -15.26
N VAL A 9 -11.59 -3.12 -16.26
CA VAL A 9 -12.30 -1.86 -16.05
C VAL A 9 -13.79 -2.11 -15.80
N LYS A 10 -14.31 -3.19 -16.38
CA LYS A 10 -15.72 -3.54 -16.22
C LYS A 10 -16.03 -3.86 -14.76
N GLU A 11 -15.13 -4.58 -14.11
CA GLU A 11 -15.32 -4.96 -12.71
C GLU A 11 -15.46 -3.74 -11.82
N MET A 12 -14.60 -2.76 -12.05
CA MET A 12 -14.62 -1.53 -11.29
C MET A 12 -15.79 -0.65 -11.68
N LYS A 13 -16.20 -0.76 -12.94
CA LYS A 13 -17.32 0.02 -13.46
C LYS A 13 -18.57 -0.16 -12.61
N GLN A 14 -19.04 -1.39 -12.49
CA GLN A 14 -20.23 -1.67 -11.70
C GLN A 14 -19.88 -1.86 -10.22
N LEU A 15 -18.70 -1.42 -9.84
CA LEU A 15 -18.25 -1.49 -8.46
C LEU A 15 -18.65 -0.23 -7.72
N HIS A 16 -17.95 0.85 -8.05
CA HIS A 16 -18.21 2.16 -7.45
C HIS A 16 -18.36 2.04 -5.93
N GLY A 17 -17.66 1.07 -5.35
CA GLY A 17 -17.72 0.86 -3.92
C GLY A 17 -16.41 0.33 -3.35
N GLY A 18 -16.43 -0.01 -2.07
CA GLY A 18 -15.23 -0.54 -1.44
C GLY A 18 -15.36 -2.01 -1.11
N VAL A 19 -14.21 -2.65 -0.88
CA VAL A 19 -14.18 -4.08 -0.56
C VAL A 19 -15.10 -4.88 -1.47
N ASN A 20 -15.31 -6.16 -1.13
CA ASN A 20 -16.16 -7.03 -1.93
C ASN A 20 -17.16 -7.77 -1.04
N TYR A 21 -18.17 -7.04 -0.57
CA TYR A 21 -19.19 -7.62 0.30
C TYR A 21 -18.59 -8.07 1.62
N GLY A 22 -17.68 -7.26 2.16
CA GLY A 22 -17.04 -7.59 3.42
C GLY A 22 -15.58 -7.96 3.25
N ASN A 23 -15.29 -8.82 2.28
CA ASN A 23 -13.93 -9.26 2.02
C ASN A 23 -13.32 -10.03 3.19
N GLY A 24 -14.13 -10.30 4.21
CA GLY A 24 -13.63 -11.02 5.36
C GLY A 24 -12.46 -10.33 6.03
N VAL A 25 -12.55 -9.01 6.16
CA VAL A 25 -11.48 -8.24 6.78
C VAL A 25 -11.84 -7.87 8.23
N SER A 26 -11.18 -6.86 8.76
CA SER A 26 -11.43 -6.41 10.12
C SER A 26 -11.09 -4.93 10.28
N CYS A 27 -12.02 -4.17 10.87
CA CYS A 27 -11.81 -2.75 11.07
C CYS A 27 -11.87 -2.39 12.55
N SER A 28 -10.74 -1.93 13.09
CA SER A 28 -10.66 -1.56 14.50
C SER A 28 -9.51 -0.57 14.73
N LYS A 29 -9.87 0.64 15.16
CA LYS A 29 -8.88 1.68 15.43
C LYS A 29 -8.12 2.09 14.18
N THR A 30 -8.49 1.51 13.04
CA THR A 30 -7.85 1.81 11.78
C THR A 30 -8.82 1.61 10.62
N LYS A 31 -8.46 2.12 9.45
CA LYS A 31 -9.30 1.98 8.27
C LYS A 31 -9.69 0.53 8.04
N CYS A 32 -10.48 0.27 7.02
CA CYS A 32 -10.91 -1.09 6.69
C CYS A 32 -10.00 -1.72 5.66
N SER A 33 -8.72 -1.37 5.70
CA SER A 33 -7.74 -1.91 4.76
C SER A 33 -6.33 -1.71 5.28
N VAL A 34 -5.91 -2.56 6.23
CA VAL A 34 -4.59 -2.46 6.81
C VAL A 34 -3.51 -2.47 5.74
N ASN A 35 -2.45 -1.68 5.95
CA ASN A 35 -1.35 -1.59 5.01
C ASN A 35 -0.30 -0.62 5.49
N TRP A 36 -0.03 -0.63 6.80
CA TRP A 36 0.95 0.26 7.39
C TRP A 36 2.37 -0.22 7.12
N GLY A 37 2.57 -1.53 7.17
CA GLY A 37 3.90 -2.09 6.93
C GLY A 37 4.01 -2.68 5.54
N GLN A 38 3.05 -3.51 5.17
CA GLN A 38 3.05 -4.13 3.85
C GLN A 38 3.14 -3.07 2.77
N ALA A 39 2.13 -2.19 2.70
CA ALA A 39 2.14 -1.14 1.70
C ALA A 39 3.27 -0.15 1.92
N PHE A 40 3.98 -0.34 3.01
CA PHE A 40 5.12 0.48 3.34
C PHE A 40 6.22 0.13 2.34
N GLN A 41 6.32 -1.17 2.07
CA GLN A 41 7.27 -1.68 1.11
C GLN A 41 6.74 -1.42 -0.30
N GLU A 42 5.42 -1.23 -0.41
CA GLU A 42 4.77 -0.97 -1.69
C GLU A 42 5.19 0.39 -2.24
N ARG A 43 5.06 1.42 -1.41
CA ARG A 43 5.41 2.78 -1.81
C ARG A 43 6.85 2.85 -2.29
N TYR A 44 7.68 1.96 -1.76
CA TYR A 44 9.09 1.92 -2.14
C TYR A 44 9.25 1.43 -3.56
N THR A 45 8.53 0.35 -3.89
CA THR A 45 8.59 -0.23 -5.24
C THR A 45 7.75 0.58 -6.21
N ALA A 46 6.64 1.13 -5.73
CA ALA A 46 5.76 1.94 -6.56
C ALA A 46 6.45 3.21 -7.02
N GLY A 47 7.32 3.74 -6.17
CA GLY A 47 8.04 4.96 -6.51
C GLY A 47 9.13 4.71 -7.53
N ILE A 48 10.02 3.77 -7.24
CA ILE A 48 11.11 3.43 -8.15
C ILE A 48 10.58 2.90 -9.47
N ASN A 49 9.43 2.25 -9.42
CA ASN A 49 8.82 1.69 -10.63
C ASN A 49 8.58 2.77 -11.67
N SER A 50 7.85 3.81 -11.28
CA SER A 50 7.56 4.93 -12.18
C SER A 50 8.85 5.60 -12.63
N PHE A 51 9.84 5.62 -11.73
CA PHE A 51 11.12 6.24 -12.03
C PHE A 51 11.82 5.52 -13.17
N VAL A 52 11.98 4.20 -13.02
CA VAL A 52 12.64 3.38 -14.05
C VAL A 52 11.96 3.57 -15.40
N SER A 53 10.78 2.98 -15.56
CA SER A 53 10.05 3.07 -16.81
C SER A 53 9.98 4.48 -17.34
N GLY A 54 9.46 5.39 -16.55
CA GLY A 54 9.40 6.77 -17.00
C GLY A 54 10.60 7.08 -17.87
N VAL A 55 11.76 6.64 -17.39
CA VAL A 55 13.01 6.79 -18.10
C VAL A 55 13.31 5.60 -19.01
N ALA A 56 13.63 4.46 -18.38
CA ALA A 56 14.00 3.24 -19.07
C ALA A 56 12.82 2.40 -19.53
N SER A 57 12.22 1.73 -18.56
CA SER A 57 11.11 0.82 -18.77
C SER A 57 9.84 1.47 -19.33
N GLY A 58 9.95 2.75 -19.74
CA GLY A 58 8.79 3.44 -20.28
C GLY A 58 9.17 4.40 -21.39
N ALA A 59 9.92 5.45 -21.04
CA ALA A 59 10.35 6.45 -22.01
C ALA A 59 9.15 7.05 -22.75
N GLY A 60 8.02 7.13 -22.05
CA GLY A 60 6.82 7.69 -22.64
C GLY A 60 6.38 6.93 -23.87
N SER A 61 6.12 5.64 -23.71
CA SER A 61 5.67 4.80 -24.81
C SER A 61 4.21 5.07 -25.17
N ILE A 62 3.46 5.54 -24.18
CA ILE A 62 2.04 5.84 -24.38
C ILE A 62 1.51 6.71 -23.25
N GLY A 63 2.20 7.81 -22.98
CA GLY A 63 1.77 8.72 -21.93
C GLY A 63 2.85 8.94 -20.89
N ARG A 64 3.02 7.96 -20.00
CA ARG A 64 4.03 8.06 -18.94
C ARG A 64 5.11 7.00 -19.13
N MET A 1 -5.36 26.12 2.35
CA MET A 1 -6.12 26.55 1.15
C MET A 1 -7.49 25.88 1.09
N ASN A 2 -8.52 26.64 1.45
CA ASN A 2 -9.89 26.13 1.43
C ASN A 2 -10.53 26.34 0.07
N SER A 3 -10.23 25.45 -0.86
CA SER A 3 -10.78 25.53 -2.21
C SER A 3 -12.09 24.76 -2.31
N VAL A 4 -13.04 25.32 -3.06
CA VAL A 4 -14.34 24.69 -3.24
C VAL A 4 -14.38 23.87 -4.51
N LYS A 5 -13.50 24.20 -5.45
CA LYS A 5 -13.41 23.46 -6.70
C LYS A 5 -12.51 22.25 -6.50
N GLU A 6 -11.49 22.42 -5.68
CA GLU A 6 -10.57 21.35 -5.38
C GLU A 6 -11.17 20.41 -4.35
N LEU A 7 -11.92 20.98 -3.43
CA LEU A 7 -12.59 20.21 -2.39
C LEU A 7 -13.83 19.49 -2.95
N ASN A 8 -14.38 20.04 -4.04
CA ASN A 8 -15.55 19.46 -4.66
C ASN A 8 -15.19 18.18 -5.42
N VAL A 9 -13.93 18.08 -5.83
CA VAL A 9 -13.46 16.92 -6.57
C VAL A 9 -13.29 15.70 -5.65
N LYS A 10 -12.65 15.91 -4.50
CA LYS A 10 -12.42 14.84 -3.55
C LYS A 10 -13.72 14.10 -3.22
N GLU A 11 -14.81 14.85 -3.15
CA GLU A 11 -16.12 14.28 -2.85
C GLU A 11 -16.46 13.17 -3.84
N MET A 12 -16.80 13.58 -5.04
CA MET A 12 -17.17 12.63 -6.10
C MET A 12 -16.05 11.60 -6.32
N LYS A 13 -14.83 11.97 -5.96
CA LYS A 13 -13.69 11.08 -6.13
C LYS A 13 -13.95 9.74 -5.45
N GLN A 14 -14.23 9.77 -4.16
CA GLN A 14 -14.51 8.54 -3.41
C GLN A 14 -15.97 8.14 -3.54
N LEU A 15 -16.65 8.72 -4.52
CA LEU A 15 -18.04 8.41 -4.78
C LEU A 15 -18.15 7.25 -5.76
N HIS A 16 -17.82 7.54 -7.01
CA HIS A 16 -17.84 6.55 -8.08
C HIS A 16 -19.14 5.72 -8.03
N GLY A 17 -20.20 6.35 -7.57
CA GLY A 17 -21.49 5.67 -7.47
C GLY A 17 -22.15 5.86 -6.12
N GLY A 18 -23.20 5.10 -5.87
CA GLY A 18 -23.92 5.21 -4.62
C GLY A 18 -23.35 4.31 -3.54
N VAL A 19 -22.64 4.89 -2.59
CA VAL A 19 -22.03 4.14 -1.50
C VAL A 19 -22.09 4.91 -0.19
N ASN A 20 -22.29 4.20 0.92
CA ASN A 20 -22.36 4.82 2.23
C ASN A 20 -21.93 3.84 3.32
N TYR A 21 -20.70 3.37 3.21
CA TYR A 21 -20.15 2.43 4.19
C TYR A 21 -20.99 1.15 4.23
N GLY A 22 -20.76 0.26 3.27
CA GLY A 22 -21.48 -0.99 3.22
C GLY A 22 -20.74 -2.12 3.88
N ASN A 23 -20.13 -2.99 3.08
CA ASN A 23 -19.38 -4.13 3.59
C ASN A 23 -17.88 -3.88 3.49
N GLY A 24 -17.49 -2.96 2.62
CA GLY A 24 -16.08 -2.65 2.45
C GLY A 24 -15.73 -2.31 1.01
N VAL A 25 -16.57 -1.46 0.38
CA VAL A 25 -16.36 -1.03 -0.99
C VAL A 25 -15.90 -2.19 -1.89
N SER A 26 -15.33 -1.85 -3.03
CA SER A 26 -14.86 -2.85 -3.98
C SER A 26 -13.52 -2.42 -4.60
N CYS A 27 -12.49 -3.24 -4.37
CA CYS A 27 -11.16 -2.95 -4.90
C CYS A 27 -11.21 -2.59 -6.38
N SER A 28 -10.07 -2.19 -6.93
CA SER A 28 -9.97 -1.83 -8.34
C SER A 28 -8.52 -1.72 -8.76
N LYS A 29 -8.09 -2.65 -9.60
CA LYS A 29 -6.70 -2.67 -10.10
C LYS A 29 -5.70 -2.81 -8.95
N THR A 30 -6.19 -3.02 -7.74
CA THR A 30 -5.34 -3.17 -6.57
C THR A 30 -6.02 -4.04 -5.53
N LYS A 31 -5.25 -4.50 -4.55
CA LYS A 31 -5.78 -5.34 -3.48
C LYS A 31 -6.98 -4.69 -2.81
N CYS A 32 -7.87 -5.51 -2.24
CA CYS A 32 -9.06 -5.00 -1.58
C CYS A 32 -8.87 -4.98 -0.06
N SER A 33 -7.65 -4.64 0.38
CA SER A 33 -7.35 -4.59 1.80
C SER A 33 -6.43 -3.42 2.12
N VAL A 34 -6.56 -2.88 3.33
CA VAL A 34 -5.75 -1.75 3.75
C VAL A 34 -4.53 -2.23 4.55
N ASN A 35 -3.52 -1.38 4.65
CA ASN A 35 -2.30 -1.71 5.38
C ASN A 35 -1.31 -0.57 5.35
N TRP A 36 -1.30 0.22 6.42
CA TRP A 36 -0.40 1.37 6.52
C TRP A 36 1.05 0.94 6.76
N GLY A 37 1.27 -0.37 6.89
CA GLY A 37 2.61 -0.87 7.11
C GLY A 37 3.10 -1.72 5.96
N GLN A 38 2.29 -2.70 5.57
CA GLN A 38 2.63 -3.59 4.47
C GLN A 38 2.83 -2.79 3.19
N ALA A 39 1.75 -2.18 2.68
CA ALA A 39 1.87 -1.39 1.47
C ALA A 39 2.73 -0.16 1.65
N PHE A 40 3.18 0.04 2.86
CA PHE A 40 4.07 1.15 3.16
C PHE A 40 5.42 0.81 2.56
N GLN A 41 5.78 -0.46 2.71
CA GLN A 41 7.02 -0.98 2.15
C GLN A 41 6.85 -1.13 0.64
N GLU A 42 5.58 -1.23 0.20
CA GLU A 42 5.25 -1.37 -1.21
C GLU A 42 5.59 -0.09 -1.97
N ARG A 43 5.39 1.05 -1.32
CA ARG A 43 5.66 2.34 -1.93
C ARG A 43 7.09 2.42 -2.44
N TYR A 44 7.98 1.66 -1.81
CA TYR A 44 9.38 1.63 -2.22
C TYR A 44 9.52 1.05 -3.62
N THR A 45 8.87 -0.09 -3.84
CA THR A 45 8.92 -0.75 -5.14
C THR A 45 8.13 0.05 -6.18
N ALA A 46 7.00 0.60 -5.75
CA ALA A 46 6.16 1.40 -6.63
C ALA A 46 6.89 2.67 -7.08
N GLY A 47 7.73 3.21 -6.20
CA GLY A 47 8.47 4.41 -6.52
C GLY A 47 9.47 4.18 -7.63
N ILE A 48 10.28 3.14 -7.49
CA ILE A 48 11.29 2.80 -8.49
C ILE A 48 10.63 2.53 -9.85
N ASN A 49 9.40 2.02 -9.81
CA ASN A 49 8.66 1.72 -11.04
C ASN A 49 8.54 2.97 -11.91
N SER A 50 8.06 4.06 -11.30
CA SER A 50 7.89 5.31 -12.02
C SER A 50 9.25 5.81 -12.53
N PHE A 51 10.30 5.51 -11.76
CA PHE A 51 11.64 5.92 -12.12
C PHE A 51 12.05 5.26 -13.43
N VAL A 52 11.99 3.93 -13.46
CA VAL A 52 12.35 3.18 -14.66
C VAL A 52 11.55 3.67 -15.86
N SER A 53 10.25 3.40 -15.89
CA SER A 53 9.41 3.80 -16.99
C SER A 53 9.60 5.25 -17.34
N GLY A 54 9.47 6.14 -16.37
CA GLY A 54 9.68 7.54 -16.65
C GLY A 54 10.76 7.70 -17.70
N VAL A 55 11.83 6.93 -17.49
CA VAL A 55 12.94 6.89 -18.40
C VAL A 55 12.79 5.80 -19.46
N ALA A 56 12.91 4.54 -19.01
CA ALA A 56 12.84 3.39 -19.89
C ALA A 56 11.43 2.91 -20.19
N SER A 57 10.84 2.26 -19.19
CA SER A 57 9.53 1.65 -19.29
C SER A 57 8.39 2.65 -19.54
N GLY A 58 8.72 3.91 -19.78
CA GLY A 58 7.71 4.91 -20.02
C GLY A 58 7.79 5.49 -21.42
N ALA A 59 8.10 4.65 -22.40
CA ALA A 59 8.21 5.08 -23.79
C ALA A 59 8.16 3.89 -24.74
N GLY A 60 9.31 3.26 -24.92
CA GLY A 60 9.40 2.10 -25.80
C GLY A 60 10.28 2.36 -27.01
N SER A 61 10.20 3.57 -27.54
CA SER A 61 11.00 3.95 -28.72
C SER A 61 12.30 4.64 -28.28
N ILE A 62 12.97 4.05 -27.28
CA ILE A 62 14.22 4.60 -26.78
C ILE A 62 14.15 6.12 -26.62
N GLY A 63 13.06 6.59 -26.04
CA GLY A 63 12.88 8.01 -25.84
C GLY A 63 12.46 8.73 -27.10
N ARG A 64 13.43 9.25 -27.85
CA ARG A 64 13.14 9.96 -29.09
C ARG A 64 14.19 9.63 -30.15
N MET A 1 32.47 -9.34 17.15
CA MET A 1 31.73 -10.55 16.71
C MET A 1 30.23 -10.33 16.75
N ASN A 2 29.77 -9.28 16.10
CA ASN A 2 28.34 -8.96 16.06
C ASN A 2 27.67 -9.64 14.87
N SER A 3 27.10 -10.81 15.11
CA SER A 3 26.42 -11.56 14.06
C SER A 3 24.92 -11.23 14.04
N VAL A 4 24.51 -10.47 13.04
CA VAL A 4 23.10 -10.08 12.92
C VAL A 4 22.37 -11.01 11.96
N LYS A 5 23.12 -11.65 11.08
CA LYS A 5 22.55 -12.60 10.14
C LYS A 5 22.40 -13.95 10.82
N GLU A 6 23.38 -14.28 11.65
CA GLU A 6 23.37 -15.53 12.40
C GLU A 6 22.41 -15.42 13.57
N LEU A 7 22.36 -14.24 14.16
CA LEU A 7 21.47 -13.98 15.28
C LEU A 7 20.03 -13.89 14.82
N ASN A 8 19.84 -13.51 13.55
CA ASN A 8 18.51 -13.39 12.98
C ASN A 8 17.83 -14.75 12.86
N VAL A 9 18.65 -15.79 12.74
CA VAL A 9 18.13 -17.15 12.63
C VAL A 9 17.56 -17.63 13.95
N LYS A 10 18.34 -17.49 15.02
CA LYS A 10 17.92 -17.90 16.35
C LYS A 10 16.65 -17.17 16.76
N GLU A 11 16.57 -15.89 16.42
CA GLU A 11 15.41 -15.07 16.76
C GLU A 11 14.15 -15.64 16.10
N MET A 12 14.08 -15.51 14.79
CA MET A 12 12.94 -16.00 14.03
C MET A 12 12.65 -17.47 14.35
N LYS A 13 13.71 -18.20 14.72
CA LYS A 13 13.57 -19.61 15.06
C LYS A 13 12.51 -19.82 16.12
N GLN A 14 12.77 -19.30 17.32
CA GLN A 14 11.82 -19.44 18.42
C GLN A 14 10.76 -18.34 18.39
N LEU A 15 10.62 -17.70 17.25
CA LEU A 15 9.64 -16.62 17.08
C LEU A 15 8.31 -17.19 16.61
N HIS A 16 8.38 -17.95 15.53
CA HIS A 16 7.19 -18.56 14.95
C HIS A 16 6.59 -19.61 15.90
N GLY A 17 7.42 -20.11 16.80
CA GLY A 17 6.95 -21.11 17.74
C GLY A 17 6.16 -20.51 18.89
N GLY A 18 4.87 -20.83 18.95
CA GLY A 18 4.02 -20.30 20.00
C GLY A 18 3.46 -18.93 19.66
N VAL A 19 3.01 -18.77 18.43
CA VAL A 19 2.44 -17.50 17.98
C VAL A 19 1.26 -17.08 18.85
N ASN A 20 1.51 -16.18 19.78
CA ASN A 20 0.46 -15.69 20.67
C ASN A 20 0.84 -14.36 21.29
N TYR A 21 1.48 -13.50 20.49
CA TYR A 21 1.90 -12.19 20.94
C TYR A 21 2.53 -11.39 19.80
N GLY A 22 1.95 -11.52 18.61
CA GLY A 22 2.46 -10.82 17.45
C GLY A 22 1.46 -9.82 16.89
N ASN A 23 0.71 -10.24 15.88
CA ASN A 23 -0.29 -9.37 15.26
C ASN A 23 -1.26 -8.81 16.30
N GLY A 24 -2.31 -9.54 16.59
CA GLY A 24 -3.30 -9.11 17.57
C GLY A 24 -3.83 -7.72 17.27
N VAL A 25 -4.52 -7.58 16.14
CA VAL A 25 -5.08 -6.30 15.74
C VAL A 25 -6.52 -6.15 16.23
N SER A 26 -7.00 -4.91 16.27
CA SER A 26 -8.35 -4.63 16.72
C SER A 26 -8.82 -3.25 16.23
N CYS A 27 -10.13 -3.05 16.22
CA CYS A 27 -10.70 -1.78 15.77
C CYS A 27 -11.66 -1.23 16.83
N SER A 28 -11.99 0.05 16.70
CA SER A 28 -12.90 0.71 17.65
C SER A 28 -12.30 0.73 19.05
N LYS A 29 -11.00 0.55 19.10
CA LYS A 29 -10.26 0.54 20.36
C LYS A 29 -8.78 0.81 20.12
N THR A 30 -8.28 0.30 19.02
CA THR A 30 -6.88 0.45 18.65
C THR A 30 -6.74 0.45 17.13
N LYS A 31 -5.57 0.86 16.64
CA LYS A 31 -5.30 0.91 15.19
C LYS A 31 -6.09 -0.16 14.42
N CYS A 32 -6.89 0.29 13.47
CA CYS A 32 -7.71 -0.61 12.66
C CYS A 32 -6.96 -1.04 11.39
N SER A 33 -5.67 -1.29 11.54
CA SER A 33 -4.85 -1.71 10.40
C SER A 33 -3.94 -2.87 10.78
N VAL A 34 -3.57 -3.67 9.79
CA VAL A 34 -2.70 -4.82 10.02
C VAL A 34 -1.23 -4.46 9.79
N ASN A 35 -0.80 -3.35 10.40
CA ASN A 35 0.57 -2.90 10.27
C ASN A 35 0.85 -2.36 8.86
N TRP A 36 0.78 -1.04 8.72
CA TRP A 36 1.01 -0.39 7.43
C TRP A 36 2.49 -0.48 7.03
N GLY A 37 3.33 -0.94 7.95
CA GLY A 37 4.75 -1.06 7.66
C GLY A 37 5.02 -1.84 6.39
N GLN A 38 4.43 -3.02 6.29
CA GLN A 38 4.60 -3.85 5.11
C GLN A 38 4.19 -3.05 3.89
N ALA A 39 2.97 -2.53 3.90
CA ALA A 39 2.48 -1.73 2.79
C ALA A 39 3.23 -0.42 2.64
N PHE A 40 4.11 -0.18 3.58
CA PHE A 40 4.95 1.01 3.56
C PHE A 40 5.96 0.80 2.46
N GLN A 41 6.48 -0.42 2.41
CA GLN A 41 7.42 -0.81 1.37
C GLN A 41 6.67 -1.00 0.07
N GLU A 42 5.36 -1.27 0.18
CA GLU A 42 4.50 -1.46 -1.00
C GLU A 42 4.52 -0.21 -1.86
N ARG A 43 4.42 0.95 -1.20
CA ARG A 43 4.43 2.23 -1.90
C ARG A 43 5.80 2.51 -2.50
N TYR A 44 6.84 2.02 -1.84
CA TYR A 44 8.20 2.21 -2.30
C TYR A 44 8.42 1.52 -3.63
N THR A 45 7.90 0.30 -3.76
CA THR A 45 8.03 -0.47 -4.99
C THR A 45 7.39 0.27 -6.16
N ALA A 46 6.26 0.92 -5.89
CA ALA A 46 5.54 1.66 -6.92
C ALA A 46 6.38 2.82 -7.44
N GLY A 47 7.14 3.45 -6.55
CA GLY A 47 7.98 4.57 -6.95
C GLY A 47 9.10 4.15 -7.88
N ILE A 48 9.69 2.99 -7.60
CA ILE A 48 10.78 2.47 -8.42
C ILE A 48 10.34 2.26 -9.86
N ASN A 49 9.12 1.76 -10.03
CA ASN A 49 8.57 1.51 -11.35
C ASN A 49 8.52 2.79 -12.17
N SER A 50 8.03 3.86 -11.56
CA SER A 50 7.93 5.15 -12.24
C SER A 50 9.31 5.64 -12.66
N PHE A 51 10.32 5.31 -11.86
CA PHE A 51 11.69 5.72 -12.15
C PHE A 51 12.18 5.08 -13.45
N VAL A 52 11.98 3.78 -13.57
CA VAL A 52 12.41 3.04 -14.76
C VAL A 52 11.83 3.67 -16.02
N SER A 53 10.54 3.48 -16.26
CA SER A 53 9.89 4.01 -17.44
C SER A 53 10.22 5.46 -17.66
N GLY A 54 9.94 6.30 -16.69
CA GLY A 54 10.26 7.71 -16.84
C GLY A 54 11.51 7.86 -17.68
N VAL A 55 12.49 7.03 -17.35
CA VAL A 55 13.75 6.99 -18.05
C VAL A 55 13.74 5.97 -19.20
N ALA A 56 13.74 4.69 -18.82
CA ALA A 56 13.78 3.59 -19.77
C ALA A 56 12.42 3.21 -20.34
N SER A 57 11.65 2.54 -19.50
CA SER A 57 10.33 2.02 -19.86
C SER A 57 9.29 3.10 -20.18
N GLY A 58 9.74 4.35 -20.36
CA GLY A 58 8.83 5.42 -20.68
C GLY A 58 9.15 6.08 -22.01
N ALA A 59 9.50 5.25 -23.00
CA ALA A 59 9.83 5.76 -24.32
C ALA A 59 9.81 4.63 -25.36
N GLY A 60 10.91 3.92 -25.44
CA GLY A 60 11.02 2.82 -26.39
C GLY A 60 12.27 2.00 -26.20
N SER A 61 13.30 2.29 -26.99
CA SER A 61 14.57 1.57 -26.89
C SER A 61 15.71 2.39 -27.46
N ILE A 62 15.43 3.10 -28.55
CA ILE A 62 16.44 3.94 -29.20
C ILE A 62 17.71 3.15 -29.49
N GLY A 63 17.64 2.28 -30.51
CA GLY A 63 18.80 1.49 -30.88
C GLY A 63 19.07 1.51 -32.37
N ARG A 64 19.35 2.71 -32.90
CA ARG A 64 19.63 2.87 -34.32
C ARG A 64 18.43 2.43 -35.16
N MET A 1 -18.08 -28.82 -7.40
CA MET A 1 -19.27 -29.65 -7.66
C MET A 1 -20.49 -29.15 -6.89
N ASN A 2 -21.64 -29.79 -7.12
CA ASN A 2 -22.86 -29.39 -6.44
C ASN A 2 -23.02 -30.15 -5.13
N SER A 3 -22.13 -29.87 -4.18
CA SER A 3 -22.17 -30.51 -2.87
C SER A 3 -23.30 -29.96 -2.02
N VAL A 4 -24.13 -30.86 -1.50
CA VAL A 4 -25.27 -30.45 -0.66
C VAL A 4 -24.90 -30.52 0.81
N LYS A 5 -23.90 -31.34 1.13
CA LYS A 5 -23.44 -31.46 2.49
C LYS A 5 -22.49 -30.31 2.81
N GLU A 6 -21.72 -29.91 1.81
CA GLU A 6 -20.79 -28.80 1.96
C GLU A 6 -21.55 -27.50 1.93
N LEU A 7 -22.55 -27.43 1.07
CA LEU A 7 -23.37 -26.23 0.95
C LEU A 7 -24.25 -26.05 2.20
N ASN A 8 -24.54 -27.15 2.87
CA ASN A 8 -25.36 -27.11 4.07
C ASN A 8 -24.62 -26.43 5.22
N VAL A 9 -23.30 -26.63 5.24
CA VAL A 9 -22.47 -26.03 6.28
C VAL A 9 -22.27 -24.54 6.04
N LYS A 10 -21.79 -24.19 4.86
CA LYS A 10 -21.55 -22.80 4.50
C LYS A 10 -22.83 -21.98 4.61
N GLU A 11 -23.97 -22.64 4.38
CA GLU A 11 -25.26 -21.97 4.44
C GLU A 11 -25.49 -21.37 5.82
N MET A 12 -25.89 -22.21 6.77
CA MET A 12 -26.16 -21.77 8.13
C MET A 12 -24.95 -21.07 8.73
N LYS A 13 -23.76 -21.39 8.21
CA LYS A 13 -22.52 -20.79 8.69
C LYS A 13 -22.60 -19.27 8.65
N GLN A 14 -22.65 -18.71 7.44
CA GLN A 14 -22.74 -17.27 7.28
C GLN A 14 -24.19 -16.78 7.37
N LEU A 15 -25.05 -17.61 7.92
CA LEU A 15 -26.46 -17.27 8.08
C LEU A 15 -26.71 -16.56 9.40
N HIS A 16 -26.47 -17.29 10.48
CA HIS A 16 -26.65 -16.76 11.82
C HIS A 16 -25.60 -15.71 12.15
N GLY A 17 -24.48 -15.77 11.44
CA GLY A 17 -23.40 -14.83 11.68
C GLY A 17 -22.70 -14.40 10.40
N GLY A 18 -22.69 -13.10 10.14
CA GLY A 18 -22.05 -12.60 8.94
C GLY A 18 -20.66 -12.04 9.21
N VAL A 19 -19.99 -12.59 10.22
CA VAL A 19 -18.65 -12.13 10.58
C VAL A 19 -17.63 -13.26 10.44
N ASN A 20 -16.79 -13.16 9.41
CA ASN A 20 -15.78 -14.18 9.16
C ASN A 20 -14.44 -13.52 8.81
N TYR A 21 -13.84 -12.83 9.79
CA TYR A 21 -12.57 -12.16 9.59
C TYR A 21 -12.67 -11.12 8.48
N GLY A 22 -13.78 -10.40 8.45
CA GLY A 22 -13.99 -9.38 7.44
C GLY A 22 -14.26 -8.00 8.03
N ASN A 23 -13.86 -7.82 9.29
CA ASN A 23 -14.06 -6.55 9.97
C ASN A 23 -12.73 -5.85 10.24
N GLY A 24 -11.64 -6.61 10.22
CA GLY A 24 -10.33 -6.04 10.46
C GLY A 24 -9.41 -7.01 11.18
N VAL A 25 -9.26 -8.21 10.62
CA VAL A 25 -8.41 -9.25 11.20
C VAL A 25 -8.53 -9.31 12.73
N SER A 26 -7.56 -9.93 13.37
CA SER A 26 -7.56 -10.06 14.83
C SER A 26 -6.14 -9.95 15.38
N CYS A 27 -6.02 -9.41 16.59
CA CYS A 27 -4.72 -9.24 17.23
C CYS A 27 -4.07 -10.60 17.49
N SER A 28 -2.90 -10.80 16.89
CA SER A 28 -2.16 -12.04 17.06
C SER A 28 -0.85 -11.99 16.30
N LYS A 29 0.26 -12.01 17.04
CA LYS A 29 1.59 -11.96 16.43
C LYS A 29 1.79 -10.70 15.61
N THR A 30 0.88 -9.74 15.77
CA THR A 30 0.97 -8.50 15.02
C THR A 30 0.35 -7.33 15.80
N LYS A 31 -0.29 -7.61 16.94
CA LYS A 31 -0.89 -6.57 17.75
C LYS A 31 -1.85 -5.71 16.94
N CYS A 32 -2.38 -6.30 15.90
CA CYS A 32 -3.32 -5.63 15.01
C CYS A 32 -2.62 -4.52 14.23
N SER A 33 -2.21 -4.84 13.01
CA SER A 33 -1.53 -3.86 12.15
C SER A 33 -1.95 -4.03 10.70
N VAL A 34 -2.06 -2.91 9.98
CA VAL A 34 -2.46 -2.95 8.58
C VAL A 34 -1.24 -2.91 7.67
N ASN A 35 -0.20 -3.65 8.05
CA ASN A 35 1.03 -3.71 7.27
C ASN A 35 1.72 -2.35 7.26
N TRP A 36 1.91 -1.78 8.43
CA TRP A 36 2.56 -0.49 8.56
C TRP A 36 3.99 -0.53 8.03
N GLY A 37 4.57 -1.72 7.99
CA GLY A 37 5.92 -1.87 7.49
C GLY A 37 5.96 -2.54 6.13
N GLN A 38 5.28 -3.67 6.02
CA GLN A 38 5.23 -4.40 4.76
C GLN A 38 4.77 -3.49 3.64
N ALA A 39 3.53 -3.01 3.73
CA ALA A 39 3.00 -2.12 2.70
C ALA A 39 3.75 -0.79 2.66
N PHE A 40 4.67 -0.65 3.58
CA PHE A 40 5.50 0.54 3.64
C PHE A 40 6.48 0.46 2.48
N GLN A 41 6.95 -0.76 2.25
CA GLN A 41 7.86 -1.04 1.14
C GLN A 41 7.04 -1.12 -0.15
N GLU A 42 5.75 -1.38 -0.01
CA GLU A 42 4.84 -1.48 -1.15
C GLU A 42 4.73 -0.13 -1.87
N ARG A 43 4.61 0.93 -1.08
CA ARG A 43 4.50 2.28 -1.63
C ARG A 43 5.78 2.70 -2.34
N TYR A 44 6.90 2.20 -1.86
CA TYR A 44 8.20 2.51 -2.45
C TYR A 44 8.29 1.94 -3.87
N THR A 45 7.91 0.67 -4.02
CA THR A 45 7.96 0.02 -5.32
C THR A 45 7.03 0.72 -6.31
N ALA A 46 5.92 1.26 -5.79
CA ALA A 46 4.96 1.96 -6.63
C ALA A 46 5.58 3.20 -7.25
N GLY A 47 6.40 3.91 -6.48
CA GLY A 47 7.05 5.10 -6.96
C GLY A 47 8.15 4.81 -7.97
N ILE A 48 9.03 3.87 -7.62
CA ILE A 48 10.13 3.49 -8.50
C ILE A 48 9.63 3.03 -9.86
N ASN A 49 8.43 2.45 -9.87
CA ASN A 49 7.82 1.95 -11.10
C ASN A 49 7.85 3.02 -12.19
N SER A 50 7.13 4.12 -11.96
CA SER A 50 7.08 5.21 -12.92
C SER A 50 8.47 5.75 -13.18
N PHE A 51 9.31 5.70 -12.15
CA PHE A 51 10.69 6.18 -12.26
C PHE A 51 11.48 5.28 -13.21
N VAL A 52 11.19 3.99 -13.19
CA VAL A 52 11.87 3.02 -14.04
C VAL A 52 11.80 3.45 -15.50
N SER A 53 10.62 3.33 -16.11
CA SER A 53 10.44 3.69 -17.49
C SER A 53 11.03 5.05 -17.80
N GLY A 54 10.65 6.07 -17.04
CA GLY A 54 11.19 7.38 -17.28
C GLY A 54 12.64 7.24 -17.73
N VAL A 55 13.35 6.37 -17.03
CA VAL A 55 14.73 6.06 -17.34
C VAL A 55 14.85 4.87 -18.30
N ALA A 56 14.56 3.68 -17.77
CA ALA A 56 14.67 2.44 -18.51
C ALA A 56 13.46 2.10 -19.38
N SER A 57 12.42 1.67 -18.68
CA SER A 57 11.17 1.22 -19.31
C SER A 57 10.44 2.31 -20.09
N GLY A 58 11.05 3.48 -20.24
CA GLY A 58 10.41 4.57 -20.98
C GLY A 58 11.23 5.04 -22.16
N ALA A 59 12.54 5.01 -22.01
CA ALA A 59 13.45 5.44 -23.08
C ALA A 59 14.89 5.06 -22.77
N GLY A 60 15.11 3.78 -22.50
CA GLY A 60 16.44 3.29 -22.19
C GLY A 60 16.45 1.85 -21.74
N SER A 61 15.96 0.96 -22.60
CA SER A 61 15.91 -0.46 -22.27
C SER A 61 17.02 -1.23 -23.00
N ILE A 62 18.26 -0.85 -22.74
CA ILE A 62 19.41 -1.50 -23.36
C ILE A 62 19.21 -1.64 -24.86
N GLY A 63 19.22 -0.51 -25.58
CA GLY A 63 19.05 -0.55 -27.01
C GLY A 63 20.29 -0.08 -27.76
N ARG A 64 21.06 0.79 -27.13
CA ARG A 64 22.27 1.31 -27.74
C ARG A 64 21.97 2.04 -29.05
N MET A 1 9.46 35.27 28.41
CA MET A 1 10.13 35.19 27.09
C MET A 1 11.19 34.08 27.08
N ASN A 2 12.07 34.11 28.08
CA ASN A 2 13.12 33.10 28.18
C ASN A 2 12.65 31.88 28.98
N SER A 3 11.58 31.27 28.50
CA SER A 3 11.02 30.09 29.15
C SER A 3 11.62 28.81 28.59
N VAL A 4 12.55 28.20 29.33
CA VAL A 4 13.19 26.98 28.88
C VAL A 4 12.50 25.76 29.47
N LYS A 5 11.82 25.97 30.59
CA LYS A 5 11.08 24.89 31.24
C LYS A 5 9.70 24.78 30.62
N GLU A 6 9.15 25.92 30.22
CA GLU A 6 7.84 25.97 29.58
C GLU A 6 7.96 25.60 28.11
N LEU A 7 9.09 25.98 27.52
CA LEU A 7 9.35 25.69 26.12
C LEU A 7 9.82 24.25 25.94
N ASN A 8 10.38 23.68 27.00
CA ASN A 8 10.87 22.31 26.96
C ASN A 8 9.72 21.32 26.88
N VAL A 9 8.61 21.68 27.51
CA VAL A 9 7.42 20.84 27.52
C VAL A 9 6.71 20.87 26.17
N LYS A 10 6.48 22.08 25.65
CA LYS A 10 5.80 22.24 24.36
C LYS A 10 6.54 21.49 23.26
N GLU A 11 7.86 21.57 23.28
CA GLU A 11 8.69 20.90 22.28
C GLU A 11 8.38 19.41 22.23
N MET A 12 8.81 18.71 23.25
CA MET A 12 8.59 17.27 23.36
C MET A 12 7.11 16.94 23.23
N LYS A 13 6.26 17.91 23.56
CA LYS A 13 4.81 17.71 23.49
C LYS A 13 4.40 17.22 22.10
N GLN A 14 4.54 18.09 21.10
CA GLN A 14 4.18 17.74 19.74
C GLN A 14 5.32 17.02 19.03
N LEU A 15 6.26 16.50 19.80
CA LEU A 15 7.41 15.79 19.26
C LEU A 15 7.10 14.31 19.12
N HIS A 16 6.85 13.68 20.25
CA HIS A 16 6.53 12.25 20.29
C HIS A 16 5.19 11.97 19.60
N GLY A 17 4.37 13.01 19.46
CA GLY A 17 3.07 12.85 18.83
C GLY A 17 3.18 12.27 17.43
N GLY A 18 2.62 11.08 17.24
CA GLY A 18 2.66 10.44 15.94
C GLY A 18 4.04 9.90 15.60
N VAL A 19 4.10 8.98 14.65
CA VAL A 19 5.36 8.38 14.24
C VAL A 19 6.12 9.30 13.29
N ASN A 20 7.29 8.84 12.84
CA ASN A 20 8.11 9.63 11.93
C ASN A 20 8.58 8.78 10.76
N TYR A 21 7.63 8.10 10.12
CA TYR A 21 7.94 7.25 8.98
C TYR A 21 8.92 6.14 9.36
N GLY A 22 8.40 5.10 10.00
CA GLY A 22 9.25 3.99 10.42
C GLY A 22 8.64 2.65 10.09
N ASN A 23 8.18 1.94 11.12
CA ASN A 23 7.57 0.62 10.94
C ASN A 23 6.12 0.60 11.42
N GLY A 24 5.78 1.54 12.30
CA GLY A 24 4.43 1.60 12.84
C GLY A 24 4.02 0.33 13.55
N VAL A 25 4.87 -0.15 14.45
CA VAL A 25 4.60 -1.36 15.20
C VAL A 25 3.91 -1.02 16.52
N SER A 26 3.88 -1.99 17.44
CA SER A 26 3.25 -1.78 18.75
C SER A 26 1.80 -1.32 18.60
N CYS A 27 1.09 -1.25 19.71
CA CYS A 27 -0.31 -0.83 19.70
C CYS A 27 -0.45 0.57 20.29
N SER A 28 -0.87 1.52 19.45
CA SER A 28 -1.06 2.90 19.90
C SER A 28 -1.96 3.66 18.93
N LYS A 29 -3.15 4.01 19.40
CA LYS A 29 -4.11 4.75 18.59
C LYS A 29 -4.55 3.96 17.35
N THR A 30 -4.03 2.74 17.20
CA THR A 30 -4.38 1.92 16.06
C THR A 30 -4.28 0.43 16.42
N LYS A 31 -4.57 -0.43 15.44
CA LYS A 31 -4.51 -1.87 15.65
C LYS A 31 -3.06 -2.32 15.83
N CYS A 32 -2.87 -3.58 16.21
CA CYS A 32 -1.54 -4.14 16.41
C CYS A 32 -1.10 -4.93 15.20
N SER A 33 -1.57 -4.52 14.02
CA SER A 33 -1.22 -5.20 12.78
C SER A 33 -1.37 -4.25 11.59
N VAL A 34 -0.99 -3.00 11.79
CA VAL A 34 -1.07 -1.99 10.73
C VAL A 34 -0.07 -2.29 9.61
N ASN A 35 -0.34 -1.74 8.43
CA ASN A 35 0.54 -1.95 7.28
C ASN A 35 1.51 -0.79 7.12
N TRP A 36 2.01 -0.28 8.24
CA TRP A 36 2.95 0.83 8.23
C TRP A 36 4.30 0.39 7.67
N GLY A 37 4.55 -0.91 7.69
CA GLY A 37 5.81 -1.44 7.18
C GLY A 37 5.62 -2.18 5.87
N GLN A 38 4.62 -3.04 5.82
CA GLN A 38 4.33 -3.79 4.60
C GLN A 38 4.14 -2.83 3.44
N ALA A 39 3.12 -1.99 3.52
CA ALA A 39 2.86 -1.03 2.47
C ALA A 39 3.98 -0.01 2.34
N PHE A 40 4.90 -0.07 3.28
CA PHE A 40 6.06 0.80 3.24
C PHE A 40 6.90 0.37 2.07
N GLN A 41 6.95 -0.94 1.87
CA GLN A 41 7.66 -1.53 0.75
C GLN A 41 6.80 -1.46 -0.51
N GLU A 42 5.47 -1.40 -0.32
CA GLU A 42 4.55 -1.32 -1.45
C GLU A 42 4.64 0.04 -2.14
N ARG A 43 4.65 1.10 -1.34
CA ARG A 43 4.74 2.45 -1.87
C ARG A 43 6.08 2.67 -2.55
N TYR A 44 7.11 1.99 -2.05
CA TYR A 44 8.44 2.10 -2.61
C TYR A 44 8.49 1.49 -4.01
N THR A 45 7.87 0.33 -4.16
CA THR A 45 7.84 -0.35 -5.45
C THR A 45 7.03 0.45 -6.46
N ALA A 46 5.96 1.07 -5.99
CA ALA A 46 5.09 1.86 -6.85
C ALA A 46 5.83 3.11 -7.34
N GLY A 47 6.66 3.68 -6.48
CA GLY A 47 7.40 4.87 -6.84
C GLY A 47 8.54 4.58 -7.80
N ILE A 48 9.41 3.65 -7.41
CA ILE A 48 10.54 3.28 -8.25
C ILE A 48 10.08 2.75 -9.60
N ASN A 49 8.95 2.06 -9.61
CA ASN A 49 8.40 1.50 -10.83
C ASN A 49 8.28 2.57 -11.91
N SER A 50 7.39 3.53 -11.69
CA SER A 50 7.19 4.62 -12.62
C SER A 50 8.50 5.37 -12.86
N PHE A 51 9.34 5.40 -11.82
CA PHE A 51 10.63 6.08 -11.90
C PHE A 51 11.53 5.38 -12.91
N VAL A 52 11.57 4.05 -12.84
CA VAL A 52 12.40 3.26 -13.75
C VAL A 52 12.08 3.60 -15.21
N SER A 53 10.95 3.12 -15.70
CA SER A 53 10.56 3.36 -17.07
C SER A 53 10.68 4.82 -17.46
N GLY A 54 10.06 5.70 -16.69
CA GLY A 54 10.19 7.11 -17.01
C GLY A 54 11.57 7.39 -17.56
N VAL A 55 12.56 6.80 -16.89
CA VAL A 55 13.94 6.90 -17.29
C VAL A 55 14.35 5.77 -18.24
N ALA A 56 14.46 4.56 -17.67
CA ALA A 56 14.89 3.38 -18.40
C ALA A 56 13.78 2.68 -19.17
N SER A 57 12.96 1.98 -18.41
CA SER A 57 11.87 1.17 -18.93
C SER A 57 10.78 1.97 -19.66
N GLY A 58 11.03 3.26 -19.90
CA GLY A 58 10.05 4.09 -20.59
C GLY A 58 10.70 5.22 -21.37
N ALA A 59 11.60 4.87 -22.29
CA ALA A 59 12.28 5.86 -23.10
C ALA A 59 12.59 5.31 -24.49
N GLY A 60 11.54 5.12 -25.29
CA GLY A 60 11.72 4.60 -26.64
C GLY A 60 12.31 3.20 -26.64
N SER A 61 11.43 2.19 -26.67
CA SER A 61 11.88 0.80 -26.69
C SER A 61 12.37 0.41 -28.06
N ILE A 62 11.45 0.40 -29.01
CA ILE A 62 11.77 0.03 -30.39
C ILE A 62 11.75 1.27 -31.29
N GLY A 63 12.28 2.37 -30.79
CA GLY A 63 12.31 3.60 -31.56
C GLY A 63 13.70 4.23 -31.59
N ARG A 64 13.93 5.17 -30.68
CA ARG A 64 15.22 5.86 -30.60
C ARG A 64 15.71 5.92 -29.16
N MET A 1 -27.20 -6.61 -10.99
CA MET A 1 -26.68 -5.21 -11.02
C MET A 1 -27.74 -4.23 -10.51
N ASN A 2 -28.96 -4.36 -11.03
CA ASN A 2 -30.05 -3.47 -10.63
C ASN A 2 -30.82 -4.06 -9.45
N SER A 3 -30.10 -4.54 -8.45
CA SER A 3 -30.72 -5.13 -7.26
C SER A 3 -30.90 -4.08 -6.17
N VAL A 4 -32.13 -3.88 -5.74
CA VAL A 4 -32.43 -2.92 -4.70
C VAL A 4 -32.50 -3.59 -3.33
N LYS A 5 -32.73 -4.89 -3.34
CA LYS A 5 -32.79 -5.65 -2.11
C LYS A 5 -31.38 -6.11 -1.74
N GLU A 6 -30.56 -6.36 -2.75
CA GLU A 6 -29.21 -6.79 -2.55
C GLU A 6 -28.32 -5.59 -2.26
N LEU A 7 -28.64 -4.47 -2.90
CA LEU A 7 -27.88 -3.23 -2.71
C LEU A 7 -28.31 -2.53 -1.42
N ASN A 8 -29.53 -2.79 -0.97
CA ASN A 8 -30.03 -2.18 0.25
C ASN A 8 -29.65 -2.99 1.47
N VAL A 9 -29.54 -4.29 1.29
CA VAL A 9 -29.17 -5.19 2.37
C VAL A 9 -27.69 -5.07 2.71
N LYS A 10 -26.86 -4.98 1.67
CA LYS A 10 -25.42 -4.86 1.86
C LYS A 10 -25.08 -3.63 2.71
N GLU A 11 -25.79 -2.53 2.46
CA GLU A 11 -25.56 -1.29 3.21
C GLU A 11 -25.76 -1.52 4.69
N MET A 12 -27.00 -1.70 5.08
CA MET A 12 -27.35 -1.93 6.48
C MET A 12 -26.52 -3.07 7.08
N LYS A 13 -26.27 -4.10 6.28
CA LYS A 13 -25.49 -5.25 6.73
C LYS A 13 -24.13 -4.81 7.23
N GLN A 14 -23.36 -4.16 6.36
CA GLN A 14 -22.04 -3.70 6.74
C GLN A 14 -22.11 -2.32 7.41
N LEU A 15 -23.30 -1.95 7.83
CA LEU A 15 -23.51 -0.68 8.52
C LEU A 15 -23.33 -0.86 10.01
N HIS A 16 -24.31 -1.51 10.62
CA HIS A 16 -24.30 -1.78 12.05
C HIS A 16 -23.89 -0.54 12.84
N GLY A 17 -24.25 0.63 12.31
CA GLY A 17 -23.92 1.88 12.98
C GLY A 17 -22.96 2.73 12.16
N GLY A 18 -21.74 2.88 12.67
CA GLY A 18 -20.75 3.67 11.97
C GLY A 18 -19.65 2.82 11.36
N VAL A 19 -18.91 3.40 10.42
CA VAL A 19 -17.83 2.68 9.75
C VAL A 19 -16.56 2.71 10.59
N ASN A 20 -16.08 1.52 10.96
CA ASN A 20 -14.87 1.40 11.77
C ASN A 20 -14.29 0.00 11.68
N TYR A 21 -14.32 -0.58 10.48
CA TYR A 21 -13.79 -1.92 10.27
C TYR A 21 -13.92 -2.32 8.79
N GLY A 22 -13.67 -1.36 7.91
CA GLY A 22 -13.75 -1.63 6.48
C GLY A 22 -12.48 -1.26 5.74
N ASN A 23 -11.37 -1.84 6.17
CA ASN A 23 -10.08 -1.57 5.55
C ASN A 23 -9.90 -2.42 4.30
N GLY A 24 -10.45 -3.62 4.33
CA GLY A 24 -10.35 -4.52 3.20
C GLY A 24 -8.92 -4.95 2.92
N VAL A 25 -8.19 -5.24 3.98
CA VAL A 25 -6.79 -5.67 3.84
C VAL A 25 -6.64 -7.16 4.18
N SER A 26 -5.53 -7.74 3.75
CA SER A 26 -5.27 -9.16 3.99
C SER A 26 -4.08 -9.33 4.94
N CYS A 27 -4.02 -10.49 5.58
CA CYS A 27 -2.94 -10.78 6.52
C CYS A 27 -1.79 -11.49 5.81
N SER A 28 -0.57 -11.03 6.06
CA SER A 28 0.62 -11.63 5.45
C SER A 28 1.87 -11.22 6.19
N LYS A 29 2.47 -12.18 6.89
CA LYS A 29 3.69 -11.94 7.64
C LYS A 29 3.53 -10.87 8.73
N THR A 30 2.30 -10.36 8.87
CA THR A 30 2.02 -9.33 9.86
C THR A 30 0.57 -9.40 10.32
N LYS A 31 0.15 -8.38 11.07
CA LYS A 31 -1.21 -8.30 11.57
C LYS A 31 -2.19 -7.95 10.46
N CYS A 32 -3.47 -7.80 10.81
CA CYS A 32 -4.50 -7.47 9.84
C CYS A 32 -4.98 -6.04 10.03
N SER A 33 -4.06 -5.14 10.36
CA SER A 33 -4.40 -3.74 10.58
C SER A 33 -3.25 -2.81 10.19
N VAL A 34 -3.59 -1.71 9.51
CA VAL A 34 -2.62 -0.71 9.07
C VAL A 34 -1.24 -1.30 8.80
N ASN A 35 -0.93 -1.55 7.53
CA ASN A 35 0.35 -2.10 7.14
C ASN A 35 1.36 -0.99 6.88
N TRP A 36 1.54 -0.13 7.89
CA TRP A 36 2.48 0.99 7.78
C TRP A 36 3.87 0.52 7.37
N GLY A 37 4.16 -0.75 7.62
CA GLY A 37 5.47 -1.29 7.25
C GLY A 37 5.41 -2.10 5.97
N GLN A 38 4.46 -3.04 5.92
CA GLN A 38 4.31 -3.87 4.73
C GLN A 38 4.15 -2.99 3.50
N ALA A 39 3.10 -2.18 3.47
CA ALA A 39 2.88 -1.28 2.35
C ALA A 39 3.97 -0.24 2.21
N PHE A 40 4.85 -0.22 3.19
CA PHE A 40 5.98 0.68 3.17
C PHE A 40 6.89 0.22 2.06
N GLN A 41 7.01 -1.11 1.96
CA GLN A 41 7.79 -1.74 0.93
C GLN A 41 7.01 -1.71 -0.39
N GLU A 42 5.68 -1.68 -0.26
CA GLU A 42 4.79 -1.64 -1.43
C GLU A 42 4.76 -0.25 -2.04
N ARG A 43 4.89 0.77 -1.20
CA ARG A 43 4.88 2.16 -1.66
C ARG A 43 6.16 2.49 -2.39
N TYR A 44 7.25 1.93 -1.93
CA TYR A 44 8.57 2.15 -2.52
C TYR A 44 8.63 1.60 -3.94
N THR A 45 7.90 0.51 -4.18
CA THR A 45 7.86 -0.11 -5.49
C THR A 45 6.99 0.68 -6.46
N ALA A 46 5.90 1.23 -5.94
CA ALA A 46 4.98 2.02 -6.76
C ALA A 46 5.66 3.28 -7.28
N GLY A 47 6.34 4.00 -6.40
CA GLY A 47 7.02 5.22 -6.79
C GLY A 47 8.16 4.97 -7.76
N ILE A 48 9.12 4.16 -7.34
CA ILE A 48 10.26 3.84 -8.19
C ILE A 48 9.82 3.24 -9.52
N ASN A 49 8.66 2.60 -9.51
CA ASN A 49 8.12 1.98 -10.72
C ASN A 49 8.09 2.97 -11.88
N SER A 50 7.26 4.00 -11.75
CA SER A 50 7.15 5.03 -12.79
C SER A 50 8.50 5.67 -13.05
N PHE A 51 9.31 5.77 -12.00
CA PHE A 51 10.65 6.36 -12.11
C PHE A 51 11.54 5.51 -13.02
N VAL A 52 11.48 4.20 -12.83
CA VAL A 52 12.29 3.28 -13.64
C VAL A 52 12.04 3.51 -15.12
N SER A 53 10.88 3.08 -15.62
CA SER A 53 10.54 3.22 -17.01
C SER A 53 10.80 4.61 -17.53
N GLY A 54 10.20 5.61 -16.90
CA GLY A 54 10.44 6.97 -17.34
C GLY A 54 11.87 7.10 -17.86
N VAL A 55 12.79 6.51 -17.10
CA VAL A 55 14.18 6.48 -17.45
C VAL A 55 14.54 5.23 -18.26
N ALA A 56 14.54 4.08 -17.58
CA ALA A 56 14.90 2.80 -18.17
C ALA A 56 13.77 2.10 -18.91
N SER A 57 12.86 1.55 -18.13
CA SER A 57 11.74 0.78 -18.62
C SER A 57 10.76 1.56 -19.51
N GLY A 58 11.08 2.82 -19.79
CA GLY A 58 10.22 3.63 -20.62
C GLY A 58 10.77 3.81 -22.02
N ALA A 59 12.08 3.75 -22.15
CA ALA A 59 12.74 3.90 -23.43
C ALA A 59 14.20 3.50 -23.36
N GLY A 60 15.02 4.42 -22.88
CA GLY A 60 16.44 4.16 -22.75
C GLY A 60 17.18 4.25 -24.07
N SER A 61 17.46 5.48 -24.50
CA SER A 61 18.16 5.71 -25.76
C SER A 61 18.90 7.04 -25.74
N ILE A 62 19.36 7.44 -24.56
CA ILE A 62 20.07 8.70 -24.40
C ILE A 62 21.48 8.46 -23.83
N GLY A 63 22.12 7.41 -24.30
CA GLY A 63 23.47 7.09 -23.83
C GLY A 63 24.43 6.83 -24.97
N ARG A 64 24.71 5.56 -25.24
CA ARG A 64 25.63 5.19 -26.30
C ARG A 64 24.89 4.45 -27.42
N MET A 1 -50.17 -40.74 -4.84
CA MET A 1 -49.49 -39.63 -5.56
C MET A 1 -48.19 -39.23 -4.86
N ASN A 2 -47.18 -38.90 -5.65
CA ASN A 2 -45.88 -38.50 -5.12
C ASN A 2 -45.85 -36.99 -4.86
N SER A 3 -45.81 -36.62 -3.58
CA SER A 3 -45.77 -35.20 -3.21
C SER A 3 -44.32 -34.70 -3.16
N VAL A 4 -43.70 -34.62 -4.33
CA VAL A 4 -42.32 -34.14 -4.42
C VAL A 4 -42.28 -32.66 -4.74
N LYS A 5 -43.34 -32.17 -5.38
CA LYS A 5 -43.44 -30.76 -5.71
C LYS A 5 -43.98 -30.00 -4.51
N GLU A 6 -44.86 -30.66 -3.75
CA GLU A 6 -45.44 -30.06 -2.57
C GLU A 6 -44.45 -30.12 -1.42
N LEU A 7 -43.70 -31.22 -1.36
CA LEU A 7 -42.71 -31.42 -0.32
C LEU A 7 -41.47 -30.58 -0.59
N ASN A 8 -41.26 -30.24 -1.86
CA ASN A 8 -40.11 -29.43 -2.25
C ASN A 8 -40.28 -27.98 -1.81
N VAL A 9 -41.53 -27.57 -1.64
CA VAL A 9 -41.83 -26.21 -1.21
C VAL A 9 -41.47 -26.00 0.26
N LYS A 10 -41.86 -26.96 1.10
CA LYS A 10 -41.58 -26.89 2.52
C LYS A 10 -40.08 -26.85 2.79
N GLU A 11 -39.31 -27.46 1.88
CA GLU A 11 -37.85 -27.49 2.02
C GLU A 11 -37.28 -26.09 2.05
N MET A 12 -37.74 -25.25 1.14
CA MET A 12 -37.28 -23.87 1.04
C MET A 12 -37.91 -23.02 2.12
N LYS A 13 -39.10 -23.40 2.56
CA LYS A 13 -39.81 -22.68 3.61
C LYS A 13 -38.95 -22.51 4.85
N GLN A 14 -38.43 -23.61 5.38
CA GLN A 14 -37.58 -23.54 6.56
C GLN A 14 -36.13 -23.24 6.20
N LEU A 15 -35.93 -22.75 4.98
CA LEU A 15 -34.61 -22.39 4.51
C LEU A 15 -34.34 -20.93 4.81
N HIS A 16 -35.08 -20.07 4.14
CA HIS A 16 -34.97 -18.62 4.31
C HIS A 16 -33.51 -18.18 4.31
N GLY A 17 -32.69 -18.88 3.53
CA GLY A 17 -31.28 -18.55 3.45
C GLY A 17 -30.95 -17.72 2.22
N GLY A 18 -30.97 -16.40 2.37
CA GLY A 18 -30.67 -15.52 1.26
C GLY A 18 -29.18 -15.32 1.08
N VAL A 19 -28.60 -16.06 0.13
CA VAL A 19 -27.17 -15.96 -0.16
C VAL A 19 -26.87 -16.37 -1.59
N ASN A 20 -26.80 -15.38 -2.48
CA ASN A 20 -26.52 -15.64 -3.88
C ASN A 20 -25.48 -14.66 -4.42
N TYR A 21 -24.22 -14.88 -4.05
CA TYR A 21 -23.13 -14.01 -4.50
C TYR A 21 -23.37 -12.57 -4.03
N GLY A 22 -23.07 -12.30 -2.77
CA GLY A 22 -23.24 -10.97 -2.24
C GLY A 22 -22.86 -10.88 -0.77
N ASN A 23 -21.78 -11.56 -0.40
CA ASN A 23 -21.31 -11.55 0.98
C ASN A 23 -20.70 -10.20 1.35
N GLY A 24 -20.32 -9.44 0.33
CA GLY A 24 -19.74 -8.13 0.58
C GLY A 24 -18.25 -8.20 0.91
N VAL A 25 -17.43 -8.32 -0.11
CA VAL A 25 -15.98 -8.42 0.07
C VAL A 25 -15.45 -7.17 0.78
N SER A 26 -14.14 -6.95 0.68
CA SER A 26 -13.51 -5.81 1.30
C SER A 26 -13.94 -4.50 0.64
N CYS A 27 -13.21 -3.42 0.90
CA CYS A 27 -13.52 -2.12 0.33
C CYS A 27 -15.00 -1.77 0.55
N SER A 28 -15.56 -0.94 -0.35
CA SER A 28 -16.96 -0.52 -0.24
C SER A 28 -17.14 0.53 0.84
N LYS A 29 -16.05 1.15 1.23
CA LYS A 29 -16.05 2.19 2.26
C LYS A 29 -14.94 3.21 2.01
N THR A 30 -13.79 2.69 1.61
CA THR A 30 -12.63 3.51 1.32
C THR A 30 -11.76 2.83 0.26
N LYS A 31 -10.47 3.14 0.25
CA LYS A 31 -9.55 2.53 -0.71
C LYS A 31 -9.60 1.01 -0.61
N CYS A 32 -9.38 0.34 -1.73
CA CYS A 32 -9.40 -1.12 -1.76
C CYS A 32 -8.00 -1.70 -1.50
N SER A 33 -7.13 -0.90 -0.88
CA SER A 33 -5.78 -1.34 -0.57
C SER A 33 -5.15 -0.45 0.49
N VAL A 34 -5.61 -0.61 1.73
CA VAL A 34 -5.09 0.18 2.84
C VAL A 34 -4.12 -0.64 3.69
N ASN A 35 -2.96 -0.05 3.98
CA ASN A 35 -1.94 -0.70 4.79
C ASN A 35 -0.76 0.24 5.03
N TRP A 36 -0.78 0.90 6.18
CA TRP A 36 0.28 1.83 6.54
C TRP A 36 1.64 1.14 6.63
N GLY A 37 1.62 -0.19 6.76
CA GLY A 37 2.85 -0.94 6.85
C GLY A 37 3.12 -1.75 5.59
N GLN A 38 2.14 -2.55 5.18
CA GLN A 38 2.27 -3.35 3.98
C GLN A 38 2.65 -2.49 2.79
N ALA A 39 1.77 -1.57 2.41
CA ALA A 39 2.05 -0.70 1.29
C ALA A 39 3.22 0.22 1.57
N PHE A 40 3.68 0.19 2.80
CA PHE A 40 4.83 0.97 3.20
C PHE A 40 6.04 0.40 2.47
N GLN A 41 6.05 -0.93 2.41
CA GLN A 41 7.09 -1.66 1.70
C GLN A 41 6.83 -1.59 0.20
N GLU A 42 5.56 -1.39 -0.16
CA GLU A 42 5.14 -1.30 -1.55
C GLU A 42 5.51 0.06 -2.14
N ARG A 43 5.34 1.12 -1.36
CA ARG A 43 5.64 2.48 -1.81
C ARG A 43 7.07 2.57 -2.32
N TYR A 44 7.95 1.75 -1.77
CA TYR A 44 9.34 1.74 -2.17
C TYR A 44 9.48 1.21 -3.59
N THR A 45 8.86 0.06 -3.86
CA THR A 45 8.91 -0.54 -5.17
C THR A 45 8.07 0.25 -6.17
N ALA A 46 6.98 0.83 -5.67
CA ALA A 46 6.09 1.63 -6.50
C ALA A 46 6.80 2.86 -7.04
N GLY A 47 7.70 3.42 -6.23
CA GLY A 47 8.44 4.60 -6.64
C GLY A 47 9.45 4.29 -7.73
N ILE A 48 10.26 3.26 -7.50
CA ILE A 48 11.27 2.86 -8.47
C ILE A 48 10.63 2.46 -9.80
N ASN A 49 9.45 1.85 -9.73
CA ASN A 49 8.74 1.42 -10.92
C ASN A 49 8.50 2.60 -11.86
N SER A 50 7.78 3.60 -11.36
CA SER A 50 7.49 4.79 -12.16
C SER A 50 8.80 5.49 -12.54
N PHE A 51 9.77 5.42 -11.65
CA PHE A 51 11.08 6.03 -11.88
C PHE A 51 11.73 5.42 -13.11
N VAL A 52 11.87 4.10 -13.12
CA VAL A 52 12.47 3.38 -14.24
C VAL A 52 11.76 3.74 -15.55
N SER A 53 10.54 3.23 -15.70
CA SER A 53 9.77 3.47 -16.92
C SER A 53 9.75 4.93 -17.30
N GLY A 54 9.30 5.80 -16.41
CA GLY A 54 9.29 7.21 -16.74
C GLY A 54 10.48 7.54 -17.61
N VAL A 55 11.64 7.01 -17.22
CA VAL A 55 12.87 7.17 -17.94
C VAL A 55 13.11 6.04 -18.95
N ALA A 56 13.36 4.84 -18.43
CA ALA A 56 13.67 3.67 -19.22
C ALA A 56 12.44 2.93 -19.75
N SER A 57 11.81 2.21 -18.84
CA SER A 57 10.66 1.37 -19.14
C SER A 57 9.44 2.14 -19.67
N GLY A 58 9.59 3.44 -19.90
CA GLY A 58 8.49 4.23 -20.40
C GLY A 58 7.91 3.67 -21.69
N ALA A 59 8.78 3.17 -22.56
CA ALA A 59 8.35 2.60 -23.83
C ALA A 59 7.55 3.61 -24.64
N GLY A 60 7.93 4.88 -24.55
CA GLY A 60 7.23 5.92 -25.28
C GLY A 60 6.11 6.55 -24.47
N SER A 61 5.29 5.72 -23.84
CA SER A 61 4.18 6.20 -23.03
C SER A 61 3.35 7.24 -23.78
N ILE A 62 2.87 6.86 -24.96
CA ILE A 62 2.06 7.75 -25.78
C ILE A 62 2.68 9.14 -25.88
N GLY A 63 3.77 9.23 -26.62
CA GLY A 63 4.45 10.51 -26.78
C GLY A 63 3.59 11.54 -27.49
N ARG A 64 2.70 11.07 -28.35
CA ARG A 64 1.83 11.96 -29.09
C ARG A 64 0.47 12.08 -28.40
N MET A 1 -35.31 -34.28 8.07
CA MET A 1 -34.43 -34.35 6.88
C MET A 1 -33.26 -33.37 6.99
N ASN A 2 -32.29 -33.52 6.11
CA ASN A 2 -31.11 -32.65 6.12
C ASN A 2 -31.35 -31.41 5.26
N SER A 3 -31.66 -30.30 5.91
CA SER A 3 -31.91 -29.05 5.21
C SER A 3 -30.62 -28.44 4.70
N VAL A 4 -30.66 -27.90 3.48
CA VAL A 4 -29.48 -27.29 2.87
C VAL A 4 -29.50 -25.79 3.10
N LYS A 5 -30.68 -25.25 3.33
CA LYS A 5 -30.82 -23.82 3.60
C LYS A 5 -30.48 -23.56 5.06
N GLU A 6 -30.79 -24.53 5.90
CA GLU A 6 -30.51 -24.43 7.32
C GLU A 6 -29.03 -24.66 7.57
N LEU A 7 -28.48 -25.66 6.89
CA LEU A 7 -27.07 -25.98 7.03
C LEU A 7 -26.21 -24.90 6.38
N ASN A 8 -26.78 -24.17 5.42
CA ASN A 8 -26.07 -23.11 4.73
C ASN A 8 -25.87 -21.91 5.64
N VAL A 9 -26.81 -21.72 6.57
CA VAL A 9 -26.74 -20.62 7.51
C VAL A 9 -25.68 -20.86 8.58
N LYS A 10 -25.63 -22.09 9.09
CA LYS A 10 -24.66 -22.44 10.12
C LYS A 10 -23.24 -22.24 9.62
N GLU A 11 -23.03 -22.45 8.33
CA GLU A 11 -21.71 -22.28 7.73
C GLU A 11 -21.21 -20.86 7.90
N MET A 12 -21.88 -19.94 7.22
CA MET A 12 -21.51 -18.53 7.28
C MET A 12 -21.62 -18.00 8.71
N LYS A 13 -22.49 -18.62 9.50
CA LYS A 13 -22.70 -18.21 10.89
C LYS A 13 -21.38 -18.18 11.65
N GLN A 14 -20.76 -19.34 11.81
CA GLN A 14 -19.49 -19.42 12.53
C GLN A 14 -18.31 -19.14 11.61
N LEU A 15 -18.58 -18.53 10.48
CA LEU A 15 -17.55 -18.19 9.50
C LEU A 15 -16.98 -16.80 9.80
N HIS A 16 -17.85 -15.81 9.74
CA HIS A 16 -17.46 -14.43 9.99
C HIS A 16 -17.12 -14.22 11.46
N GLY A 17 -17.63 -15.09 12.33
CA GLY A 17 -17.36 -14.98 13.74
C GLY A 17 -18.50 -14.32 14.49
N GLY A 18 -18.65 -13.02 14.30
CA GLY A 18 -19.72 -12.28 14.97
C GLY A 18 -19.18 -11.15 15.83
N VAL A 19 -18.21 -10.42 15.30
CA VAL A 19 -17.63 -9.30 16.03
C VAL A 19 -17.17 -8.20 15.08
N ASN A 20 -16.99 -7.00 15.63
CA ASN A 20 -16.55 -5.85 14.82
C ASN A 20 -16.00 -4.76 15.72
N TYR A 21 -14.71 -4.83 16.02
CA TYR A 21 -14.07 -3.85 16.87
C TYR A 21 -14.71 -3.84 18.26
N GLY A 22 -14.84 -2.66 18.84
CA GLY A 22 -15.43 -2.55 20.16
C GLY A 22 -14.45 -2.77 21.28
N ASN A 23 -13.22 -3.20 20.93
CA ASN A 23 -12.19 -3.45 21.93
C ASN A 23 -10.81 -3.35 21.31
N GLY A 24 -10.66 -3.95 20.15
CA GLY A 24 -9.39 -3.94 19.46
C GLY A 24 -9.31 -4.99 18.36
N VAL A 25 -10.25 -4.93 17.41
CA VAL A 25 -10.30 -5.86 16.30
C VAL A 25 -10.01 -7.29 16.75
N SER A 26 -9.66 -8.15 15.80
CA SER A 26 -9.35 -9.56 16.09
C SER A 26 -8.23 -10.07 15.20
N CYS A 27 -7.35 -10.87 15.77
CA CYS A 27 -6.22 -11.44 15.04
C CYS A 27 -6.69 -12.57 14.12
N SER A 28 -6.36 -12.47 12.84
CA SER A 28 -6.75 -13.49 11.87
C SER A 28 -5.78 -13.52 10.69
N LYS A 29 -5.01 -14.59 10.58
CA LYS A 29 -4.05 -14.76 9.51
C LYS A 29 -2.99 -13.66 9.48
N THR A 30 -3.06 -12.73 10.43
CA THR A 30 -2.11 -11.64 10.50
C THR A 30 -1.96 -11.16 11.94
N LYS A 31 -0.89 -10.42 12.21
CA LYS A 31 -0.64 -9.89 13.55
C LYS A 31 -1.81 -9.02 14.01
N CYS A 32 -1.81 -8.67 15.28
CA CYS A 32 -2.87 -7.83 15.84
C CYS A 32 -2.55 -6.35 15.66
N SER A 33 -2.26 -5.95 14.44
CA SER A 33 -1.94 -4.56 14.13
C SER A 33 -2.08 -4.28 12.64
N VAL A 34 -2.04 -3.00 12.28
CA VAL A 34 -2.16 -2.59 10.88
C VAL A 34 -0.85 -2.80 10.14
N ASN A 35 -0.93 -2.84 8.81
CA ASN A 35 0.26 -3.04 7.97
C ASN A 35 0.91 -1.70 7.66
N TRP A 36 1.22 -0.93 8.71
CA TRP A 36 1.85 0.37 8.54
C TRP A 36 3.32 0.23 8.12
N GLY A 37 3.83 -1.00 8.13
CA GLY A 37 5.21 -1.23 7.74
C GLY A 37 5.32 -2.02 6.45
N GLN A 38 4.61 -3.13 6.38
CA GLN A 38 4.64 -3.98 5.20
C GLN A 38 4.27 -3.16 3.96
N ALA A 39 3.04 -2.67 3.91
CA ALA A 39 2.62 -1.86 2.77
C ALA A 39 3.39 -0.56 2.67
N PHE A 40 4.18 -0.31 3.68
CA PHE A 40 5.04 0.86 3.71
C PHE A 40 6.11 0.67 2.65
N GLN A 41 6.53 -0.58 2.52
CA GLN A 41 7.52 -0.97 1.54
C GLN A 41 6.85 -1.12 0.17
N GLU A 42 5.53 -1.33 0.19
CA GLU A 42 4.77 -1.49 -1.05
C GLU A 42 4.75 -0.18 -1.85
N ARG A 43 4.71 0.93 -1.12
CA ARG A 43 4.69 2.25 -1.75
C ARG A 43 6.03 2.58 -2.38
N TYR A 44 7.09 2.04 -1.79
CA TYR A 44 8.44 2.28 -2.29
C TYR A 44 8.63 1.65 -3.66
N THR A 45 8.22 0.38 -3.79
CA THR A 45 8.34 -0.33 -5.05
C THR A 45 7.43 0.28 -6.11
N ALA A 46 6.28 0.78 -5.69
CA ALA A 46 5.33 1.39 -6.60
C ALA A 46 5.91 2.65 -7.23
N GLY A 47 6.76 3.34 -6.49
CA GLY A 47 7.37 4.55 -7.00
C GLY A 47 8.47 4.28 -8.01
N ILE A 48 9.25 3.24 -7.77
CA ILE A 48 10.34 2.87 -8.67
C ILE A 48 9.81 2.57 -10.07
N ASN A 49 8.58 2.10 -10.16
CA ASN A 49 7.96 1.78 -11.44
C ASN A 49 8.00 2.98 -12.37
N SER A 50 7.43 4.10 -11.92
CA SER A 50 7.41 5.32 -12.71
C SER A 50 8.83 5.79 -13.01
N PHE A 51 9.74 5.56 -12.07
CA PHE A 51 11.13 5.96 -12.24
C PHE A 51 11.78 5.19 -13.38
N VAL A 52 11.46 3.91 -13.49
CA VAL A 52 12.02 3.06 -14.53
C VAL A 52 11.76 3.66 -15.91
N SER A 53 10.52 3.59 -16.37
CA SER A 53 10.16 4.10 -17.68
C SER A 53 10.68 5.49 -17.92
N GLY A 54 10.33 6.43 -17.06
CA GLY A 54 10.83 7.78 -17.23
C GLY A 54 12.23 7.74 -17.81
N VAL A 55 13.04 6.84 -17.24
CA VAL A 55 14.39 6.63 -17.68
C VAL A 55 14.49 5.51 -18.74
N ALA A 56 14.24 4.28 -18.29
CA ALA A 56 14.34 3.10 -19.13
C ALA A 56 13.11 2.81 -19.97
N SER A 57 12.09 2.31 -19.27
CA SER A 57 10.84 1.88 -19.88
C SER A 57 10.06 3.01 -20.55
N GLY A 58 10.63 4.21 -20.60
CA GLY A 58 9.97 5.34 -21.23
C GLY A 58 10.94 6.39 -21.72
N ALA A 59 12.00 5.95 -22.39
CA ALA A 59 13.01 6.86 -22.91
C ALA A 59 12.41 7.82 -23.94
N GLY A 60 12.37 7.39 -25.19
CA GLY A 60 11.82 8.22 -26.25
C GLY A 60 12.29 7.79 -27.62
N SER A 61 12.08 6.51 -27.95
CA SER A 61 12.48 5.96 -29.24
C SER A 61 13.93 6.33 -29.57
N ILE A 62 14.74 6.53 -28.53
CA ILE A 62 16.14 6.88 -28.71
C ILE A 62 17.03 5.68 -28.45
N GLY A 63 16.58 4.51 -28.86
CA GLY A 63 17.34 3.30 -28.68
C GLY A 63 17.14 2.30 -29.79
N ARG A 64 17.02 2.80 -31.02
CA ARG A 64 16.81 1.94 -32.18
C ARG A 64 18.13 1.68 -32.90
N MET A 1 16.61 23.22 13.66
CA MET A 1 16.03 24.30 14.50
C MET A 1 15.62 25.50 13.66
N ASN A 2 16.54 25.95 12.79
CA ASN A 2 16.26 27.09 11.93
C ASN A 2 15.62 26.64 10.62
N SER A 3 14.51 25.93 10.73
CA SER A 3 13.79 25.44 9.55
C SER A 3 12.74 26.44 9.10
N VAL A 4 13.19 27.56 8.52
CA VAL A 4 12.28 28.58 8.04
C VAL A 4 12.01 28.40 6.56
N LYS A 5 12.93 27.76 5.86
CA LYS A 5 12.77 27.49 4.44
C LYS A 5 11.99 26.20 4.27
N GLU A 6 12.14 25.29 5.22
CA GLU A 6 11.44 24.02 5.20
C GLU A 6 10.01 24.21 5.67
N LEU A 7 9.85 25.04 6.68
CA LEU A 7 8.52 25.33 7.24
C LEU A 7 7.73 26.25 6.32
N ASN A 8 8.45 27.05 5.53
CA ASN A 8 7.82 27.98 4.61
C ASN A 8 7.19 27.23 3.43
N VAL A 9 7.81 26.12 3.07
CA VAL A 9 7.32 25.31 1.95
C VAL A 9 6.08 24.53 2.35
N LYS A 10 6.10 23.96 3.55
CA LYS A 10 4.97 23.19 4.06
C LYS A 10 3.68 23.99 4.02
N GLU A 11 3.80 25.30 4.09
CA GLU A 11 2.65 26.19 4.07
C GLU A 11 1.80 25.95 2.82
N MET A 12 2.28 26.48 1.70
CA MET A 12 1.58 26.33 0.43
C MET A 12 1.47 24.86 0.04
N LYS A 13 2.50 24.08 0.37
CA LYS A 13 2.52 22.65 0.05
C LYS A 13 1.27 21.97 0.59
N GLN A 14 0.99 22.14 1.88
CA GLN A 14 -0.18 21.53 2.48
C GLN A 14 -1.42 22.39 2.28
N LEU A 15 -1.33 23.33 1.36
CA LEU A 15 -2.45 24.22 1.03
C LEU A 15 -3.27 23.61 -0.08
N HIS A 16 -2.58 23.19 -1.13
CA HIS A 16 -3.21 22.59 -2.28
C HIS A 16 -3.53 21.11 -2.03
N GLY A 17 -2.91 20.53 -1.02
CA GLY A 17 -3.14 19.13 -0.70
C GLY A 17 -4.62 18.78 -0.59
N GLY A 18 -5.13 18.74 0.63
CA GLY A 18 -6.53 18.42 0.83
C GLY A 18 -6.90 18.31 2.30
N VAL A 19 -7.73 17.32 2.63
CA VAL A 19 -8.17 17.11 4.01
C VAL A 19 -7.00 17.20 4.99
N ASN A 20 -7.32 17.44 6.26
CA ASN A 20 -6.31 17.54 7.30
C ASN A 20 -6.69 16.70 8.51
N TYR A 21 -6.53 15.39 8.38
CA TYR A 21 -6.87 14.47 9.47
C TYR A 21 -8.36 14.50 9.78
N GLY A 22 -9.15 13.96 8.88
CA GLY A 22 -10.59 13.93 9.07
C GLY A 22 -11.30 13.00 8.10
N ASN A 23 -10.61 11.93 7.71
CA ASN A 23 -11.18 10.96 6.79
C ASN A 23 -11.84 9.81 7.53
N GLY A 24 -11.45 9.62 8.78
CA GLY A 24 -12.01 8.55 9.58
C GLY A 24 -11.05 7.39 9.77
N VAL A 25 -10.40 7.33 10.94
CA VAL A 25 -9.45 6.27 11.23
C VAL A 25 -10.08 5.21 12.12
N SER A 26 -11.38 5.22 12.15
CA SER A 26 -12.15 4.28 12.95
C SER A 26 -12.34 2.97 12.20
N CYS A 27 -12.51 1.89 12.96
CA CYS A 27 -12.70 0.57 12.37
C CYS A 27 -13.92 0.54 11.47
N SER A 28 -13.73 0.15 10.22
CA SER A 28 -14.83 0.08 9.26
C SER A 28 -14.55 -0.96 8.18
N LYS A 29 -15.31 -2.06 8.22
CA LYS A 29 -15.16 -3.14 7.26
C LYS A 29 -13.76 -3.76 7.29
N THR A 30 -12.91 -3.26 8.17
CA THR A 30 -11.55 -3.76 8.29
C THR A 30 -11.03 -3.57 9.70
N LYS A 31 -9.95 -4.27 10.05
CA LYS A 31 -9.35 -4.16 11.37
C LYS A 31 -8.97 -2.71 11.67
N CYS A 32 -8.50 -2.46 12.88
CA CYS A 32 -8.09 -1.11 13.27
C CYS A 32 -6.59 -0.92 13.10
N SER A 33 -5.99 -1.70 12.20
CA SER A 33 -4.55 -1.61 11.95
C SER A 33 -4.27 -1.53 10.46
N VAL A 34 -3.85 -0.35 10.00
CA VAL A 34 -3.54 -0.13 8.60
C VAL A 34 -2.29 -0.91 8.18
N ASN A 35 -2.10 -1.07 6.88
CA ASN A 35 -0.94 -1.80 6.35
C ASN A 35 0.26 -0.86 6.23
N TRP A 36 0.61 -0.22 7.34
CA TRP A 36 1.74 0.71 7.37
C TRP A 36 3.07 0.00 7.14
N GLY A 37 3.05 -1.34 7.12
CA GLY A 37 4.27 -2.10 6.91
C GLY A 37 4.32 -2.73 5.53
N GLN A 38 3.35 -3.58 5.23
CA GLN A 38 3.30 -4.23 3.92
C GLN A 38 3.33 -3.20 2.82
N ALA A 39 2.31 -2.34 2.76
CA ALA A 39 2.26 -1.31 1.73
C ALA A 39 3.40 -0.31 1.87
N PHE A 40 4.17 -0.48 2.90
CA PHE A 40 5.34 0.36 3.13
C PHE A 40 6.36 -0.01 2.09
N GLN A 41 6.49 -1.32 1.90
CA GLN A 41 7.38 -1.85 0.88
C GLN A 41 6.79 -1.59 -0.50
N GLU A 42 5.47 -1.40 -0.54
CA GLU A 42 4.76 -1.12 -1.79
C GLU A 42 5.12 0.27 -2.32
N ARG A 43 4.94 1.27 -1.47
CA ARG A 43 5.23 2.66 -1.84
C ARG A 43 6.67 2.80 -2.30
N TYR A 44 7.55 1.97 -1.76
CA TYR A 44 8.96 2.00 -2.11
C TYR A 44 9.15 1.61 -3.58
N THR A 45 8.56 0.49 -3.97
CA THR A 45 8.65 0.00 -5.33
C THR A 45 7.79 0.85 -6.27
N ALA A 46 6.68 1.35 -5.73
CA ALA A 46 5.76 2.18 -6.51
C ALA A 46 6.47 3.44 -7.01
N GLY A 47 7.20 4.10 -6.13
CA GLY A 47 7.90 5.30 -6.50
C GLY A 47 9.00 5.04 -7.53
N ILE A 48 9.87 4.09 -7.22
CA ILE A 48 10.95 3.72 -8.12
C ILE A 48 10.41 3.18 -9.43
N ASN A 49 9.24 2.56 -9.38
CA ASN A 49 8.60 1.99 -10.56
C ASN A 49 8.46 3.05 -11.65
N SER A 50 7.62 4.06 -11.39
CA SER A 50 7.41 5.13 -12.35
C SER A 50 8.73 5.78 -12.73
N PHE A 51 9.65 5.81 -11.77
CA PHE A 51 10.98 6.40 -11.98
C PHE A 51 11.73 5.61 -13.06
N VAL A 52 11.95 4.32 -12.78
CA VAL A 52 12.65 3.45 -13.72
C VAL A 52 12.00 3.49 -15.09
N SER A 53 10.79 2.94 -15.19
CA SER A 53 10.08 2.90 -16.44
C SER A 53 10.05 4.24 -17.13
N GLY A 54 9.57 5.26 -16.45
CA GLY A 54 9.55 6.58 -17.07
C GLY A 54 10.76 6.73 -17.96
N VAL A 55 11.91 6.33 -17.42
CA VAL A 55 13.16 6.36 -18.14
C VAL A 55 13.43 5.04 -18.89
N ALA A 56 13.70 3.99 -18.11
CA ALA A 56 14.04 2.68 -18.63
C ALA A 56 12.84 1.82 -19.00
N SER A 57 12.19 1.31 -17.98
CA SER A 57 11.05 0.40 -18.12
C SER A 57 9.82 1.05 -18.78
N GLY A 58 9.99 2.23 -19.37
CA GLY A 58 8.88 2.89 -20.02
C GLY A 58 8.81 2.59 -21.51
N ALA A 59 9.36 1.45 -21.90
CA ALA A 59 9.36 1.05 -23.29
C ALA A 59 9.80 -0.40 -23.45
N GLY A 60 9.44 -1.23 -22.47
CA GLY A 60 9.81 -2.63 -22.51
C GLY A 60 8.92 -3.45 -23.44
N SER A 61 7.93 -2.80 -24.04
CA SER A 61 7.01 -3.48 -24.94
C SER A 61 7.34 -3.15 -26.40
N ILE A 62 8.58 -2.74 -26.66
CA ILE A 62 9.01 -2.39 -28.00
C ILE A 62 9.91 -3.48 -28.58
N GLY A 63 9.57 -4.73 -28.30
CA GLY A 63 10.36 -5.84 -28.79
C GLY A 63 10.31 -5.96 -30.30
N ARG A 64 9.26 -6.60 -30.81
CA ARG A 64 9.09 -6.78 -32.25
C ARG A 64 7.74 -7.40 -32.56
N MET A 1 -31.96 -24.72 -29.15
CA MET A 1 -32.98 -24.28 -28.17
C MET A 1 -32.34 -23.61 -26.96
N ASN A 2 -32.87 -22.46 -26.58
CA ASN A 2 -32.34 -21.72 -25.43
C ASN A 2 -33.02 -22.17 -24.14
N SER A 3 -32.22 -22.55 -23.16
CA SER A 3 -32.74 -22.99 -21.87
C SER A 3 -33.48 -21.87 -21.16
N VAL A 4 -34.74 -22.10 -20.84
CA VAL A 4 -35.55 -21.10 -20.16
C VAL A 4 -35.54 -21.33 -18.66
N LYS A 5 -35.26 -22.56 -18.26
CA LYS A 5 -35.18 -22.90 -16.84
C LYS A 5 -33.79 -22.58 -16.34
N GLU A 6 -32.80 -22.71 -17.22
CA GLU A 6 -31.43 -22.42 -16.88
C GLU A 6 -31.17 -20.92 -16.92
N LEU A 7 -31.84 -20.26 -17.86
CA LEU A 7 -31.70 -18.82 -18.01
C LEU A 7 -32.57 -18.06 -17.02
N ASN A 8 -33.59 -18.73 -16.49
CA ASN A 8 -34.49 -18.11 -15.52
C ASN A 8 -33.98 -18.28 -14.09
N VAL A 9 -33.23 -19.34 -13.86
CA VAL A 9 -32.68 -19.63 -12.54
C VAL A 9 -31.60 -18.61 -12.18
N LYS A 10 -30.92 -18.09 -13.19
CA LYS A 10 -29.86 -17.11 -12.96
C LYS A 10 -30.44 -15.77 -12.49
N GLU A 11 -31.50 -15.33 -13.15
CA GLU A 11 -32.15 -14.07 -12.80
C GLU A 11 -32.63 -14.09 -11.36
N MET A 12 -33.44 -15.08 -11.04
CA MET A 12 -33.98 -15.23 -9.69
C MET A 12 -32.85 -15.39 -8.67
N LYS A 13 -31.75 -15.98 -9.10
CA LYS A 13 -30.59 -16.21 -8.23
C LYS A 13 -30.14 -14.90 -7.59
N GLN A 14 -29.73 -13.95 -8.43
CA GLN A 14 -29.28 -12.65 -7.94
C GLN A 14 -30.43 -11.69 -7.72
N LEU A 15 -31.64 -12.24 -7.65
CA LEU A 15 -32.84 -11.44 -7.43
C LEU A 15 -33.12 -11.30 -5.94
N HIS A 16 -33.26 -12.44 -5.28
CA HIS A 16 -33.54 -12.49 -3.86
C HIS A 16 -32.25 -12.44 -3.04
N GLY A 17 -31.12 -12.24 -3.72
CA GLY A 17 -29.84 -12.18 -3.02
C GLY A 17 -29.80 -11.10 -1.97
N GLY A 18 -30.01 -9.86 -2.39
CA GLY A 18 -30.00 -8.74 -1.46
C GLY A 18 -28.61 -8.15 -1.29
N VAL A 19 -28.44 -7.35 -0.24
CA VAL A 19 -27.16 -6.72 0.03
C VAL A 19 -26.48 -7.36 1.24
N ASN A 20 -25.18 -7.66 1.10
CA ASN A 20 -24.42 -8.28 2.19
C ASN A 20 -22.95 -7.90 2.08
N TYR A 21 -22.65 -6.61 2.22
CA TYR A 21 -21.28 -6.13 2.14
C TYR A 21 -20.66 -6.48 0.79
N GLY A 22 -21.44 -6.35 -0.27
CA GLY A 22 -20.95 -6.66 -1.60
C GLY A 22 -21.51 -7.97 -2.14
N ASN A 23 -21.88 -8.87 -1.24
CA ASN A 23 -22.44 -10.16 -1.63
C ASN A 23 -21.44 -11.01 -2.40
N GLY A 24 -20.21 -10.54 -2.49
CA GLY A 24 -19.18 -11.28 -3.21
C GLY A 24 -17.89 -11.41 -2.42
N VAL A 25 -17.98 -12.04 -1.25
CA VAL A 25 -16.83 -12.24 -0.37
C VAL A 25 -15.94 -10.99 -0.31
N SER A 26 -14.72 -11.18 0.15
CA SER A 26 -13.76 -10.08 0.27
C SER A 26 -12.68 -10.20 -0.80
N CYS A 27 -11.54 -9.54 -0.55
CA CYS A 27 -10.40 -9.56 -1.46
C CYS A 27 -10.79 -9.57 -2.93
N SER A 28 -10.56 -8.43 -3.58
CA SER A 28 -10.86 -8.27 -5.00
C SER A 28 -9.64 -7.71 -5.72
N LYS A 29 -9.03 -8.53 -6.56
CA LYS A 29 -7.84 -8.11 -7.30
C LYS A 29 -6.69 -7.74 -6.36
N THR A 30 -6.88 -7.99 -5.07
CA THR A 30 -5.88 -7.69 -4.07
C THR A 30 -6.00 -8.64 -2.88
N LYS A 31 -4.98 -8.66 -2.02
CA LYS A 31 -4.98 -9.53 -0.85
C LYS A 31 -6.30 -9.44 -0.09
N CYS A 32 -6.49 -10.34 0.88
CA CYS A 32 -7.71 -10.36 1.68
C CYS A 32 -7.45 -9.81 3.08
N SER A 33 -6.61 -8.78 3.16
CA SER A 33 -6.28 -8.16 4.44
C SER A 33 -5.69 -6.78 4.23
N VAL A 34 -5.80 -5.93 5.25
CA VAL A 34 -5.27 -4.58 5.18
C VAL A 34 -3.77 -4.59 4.90
N ASN A 35 -3.29 -3.55 4.22
CA ASN A 35 -1.88 -3.44 3.89
C ASN A 35 -1.29 -2.14 4.43
N TRP A 36 -1.52 -1.88 5.71
CA TRP A 36 -1.01 -0.67 6.35
C TRP A 36 0.51 -0.74 6.51
N GLY A 37 1.02 -1.95 6.69
CA GLY A 37 2.45 -2.13 6.86
C GLY A 37 3.09 -2.74 5.64
N GLN A 38 2.48 -3.81 5.13
CA GLN A 38 3.00 -4.49 3.95
C GLN A 38 3.15 -3.50 2.80
N ALA A 39 2.03 -2.90 2.38
CA ALA A 39 2.09 -1.92 1.30
C ALA A 39 2.87 -0.68 1.69
N PHE A 40 3.23 -0.62 2.94
CA PHE A 40 4.03 0.48 3.44
C PHE A 40 5.41 0.36 2.84
N GLN A 41 5.87 -0.89 2.75
CA GLN A 41 7.15 -1.20 2.14
C GLN A 41 7.00 -1.14 0.63
N GLU A 42 5.77 -1.32 0.15
CA GLU A 42 5.46 -1.29 -1.27
C GLU A 42 5.67 0.11 -1.85
N ARG A 43 5.49 1.12 -1.00
CA ARG A 43 5.65 2.52 -1.42
C ARG A 43 6.98 2.74 -2.10
N TYR A 44 8.00 2.05 -1.62
CA TYR A 44 9.34 2.15 -2.18
C TYR A 44 9.34 1.63 -3.61
N THR A 45 8.56 0.59 -3.85
CA THR A 45 8.46 -0.01 -5.19
C THR A 45 7.79 0.96 -6.16
N ALA A 46 6.68 1.53 -5.75
CA ALA A 46 5.94 2.48 -6.58
C ALA A 46 6.84 3.62 -7.03
N GLY A 47 7.79 3.98 -6.19
CA GLY A 47 8.71 5.06 -6.52
C GLY A 47 9.62 4.71 -7.68
N ILE A 48 10.38 3.62 -7.53
CA ILE A 48 11.29 3.18 -8.58
C ILE A 48 10.52 2.76 -9.83
N ASN A 49 9.32 2.22 -9.63
CA ASN A 49 8.49 1.77 -10.74
C ASN A 49 8.30 2.88 -11.78
N SER A 50 7.61 3.94 -11.38
CA SER A 50 7.37 5.07 -12.27
C SER A 50 8.70 5.67 -12.75
N PHE A 51 9.72 5.59 -11.90
CA PHE A 51 11.03 6.14 -12.23
C PHE A 51 11.67 5.34 -13.37
N VAL A 52 11.63 4.01 -13.26
CA VAL A 52 12.21 3.14 -14.28
C VAL A 52 11.64 3.47 -15.65
N SER A 53 10.39 3.08 -15.88
CA SER A 53 9.75 3.32 -17.16
C SER A 53 9.92 4.75 -17.63
N GLY A 54 9.56 5.70 -16.80
CA GLY A 54 9.73 7.09 -17.19
C GLY A 54 10.98 7.22 -18.02
N VAL A 55 12.04 6.54 -17.57
CA VAL A 55 13.30 6.50 -18.25
C VAL A 55 13.39 5.31 -19.21
N ALA A 56 13.53 4.11 -18.63
CA ALA A 56 13.68 2.88 -19.37
C ALA A 56 12.37 2.27 -19.84
N SER A 57 11.67 1.67 -18.89
CA SER A 57 10.43 0.94 -19.12
C SER A 57 9.28 1.82 -19.66
N GLY A 58 9.57 3.08 -19.99
CA GLY A 58 8.54 3.96 -20.50
C GLY A 58 8.83 4.42 -21.91
N ALA A 59 9.68 5.44 -22.03
CA ALA A 59 10.02 5.97 -23.34
C ALA A 59 10.92 5.00 -24.11
N GLY A 60 10.32 3.93 -24.61
CA GLY A 60 11.07 2.95 -25.37
C GLY A 60 10.17 2.00 -26.15
N SER A 61 9.64 1.00 -25.47
CA SER A 61 8.76 0.02 -26.11
C SER A 61 7.55 0.70 -26.72
N ILE A 62 6.57 0.99 -25.87
CA ILE A 62 5.34 1.63 -26.32
C ILE A 62 5.04 2.88 -25.49
N GLY A 63 6.02 3.79 -25.42
CA GLY A 63 5.85 5.01 -24.66
C GLY A 63 5.34 6.15 -25.51
N ARG A 64 4.33 5.88 -26.33
CA ARG A 64 3.75 6.90 -27.20
C ARG A 64 2.82 7.82 -26.41
N MET A 1 20.81 -0.88 15.73
CA MET A 1 19.94 0.02 16.54
C MET A 1 18.84 0.64 15.67
N ASN A 2 17.76 -0.12 15.47
CA ASN A 2 16.63 0.36 14.67
C ASN A 2 15.63 1.11 15.54
N SER A 3 15.86 2.41 15.69
CA SER A 3 14.97 3.25 16.49
C SER A 3 13.80 3.76 15.66
N VAL A 4 12.59 3.40 16.06
CA VAL A 4 11.39 3.83 15.35
C VAL A 4 10.80 5.07 16.00
N LYS A 5 11.07 5.25 17.28
CA LYS A 5 10.60 6.41 18.01
C LYS A 5 11.55 7.57 17.78
N GLU A 6 12.83 7.25 17.64
CA GLU A 6 13.85 8.25 17.39
C GLU A 6 13.83 8.65 15.93
N LEU A 7 13.58 7.66 15.07
CA LEU A 7 13.52 7.90 13.64
C LEU A 7 12.23 8.64 13.27
N ASN A 8 11.21 8.49 14.11
CA ASN A 8 9.92 9.14 13.87
C ASN A 8 10.04 10.65 14.07
N VAL A 9 11.02 11.06 14.87
CA VAL A 9 11.25 12.48 15.13
C VAL A 9 11.88 13.18 13.93
N LYS A 10 12.90 12.56 13.37
CA LYS A 10 13.58 13.12 12.21
C LYS A 10 12.60 13.38 11.07
N GLU A 11 11.64 12.47 10.91
CA GLU A 11 10.64 12.60 9.85
C GLU A 11 10.00 13.98 9.87
N MET A 12 9.14 14.19 10.85
CA MET A 12 8.44 15.47 11.00
C MET A 12 9.43 16.59 11.30
N LYS A 13 10.60 16.25 11.86
CA LYS A 13 11.61 17.26 12.15
C LYS A 13 11.85 18.05 10.87
N GLN A 14 11.72 17.34 9.76
CA GLN A 14 11.83 17.91 8.44
C GLN A 14 10.65 18.86 8.24
N LEU A 15 10.02 18.80 7.07
CA LEU A 15 8.89 19.67 6.77
C LEU A 15 7.76 19.52 7.80
N HIS A 16 7.84 18.50 8.66
CA HIS A 16 6.81 18.27 9.67
C HIS A 16 5.48 17.90 9.02
N GLY A 17 5.50 16.80 8.26
CA GLY A 17 4.30 16.34 7.59
C GLY A 17 4.09 14.85 7.73
N GLY A 18 3.05 14.34 7.08
CA GLY A 18 2.75 12.92 7.15
C GLY A 18 2.28 12.48 8.51
N VAL A 19 1.80 13.43 9.31
CA VAL A 19 1.30 13.14 10.64
C VAL A 19 0.85 14.41 11.35
N ASN A 20 -0.47 14.52 11.58
CA ASN A 20 -1.03 15.69 12.24
C ASN A 20 -2.43 15.38 12.77
N TYR A 21 -2.49 14.76 13.95
CA TYR A 21 -3.77 14.44 14.57
C TYR A 21 -4.60 13.53 13.67
N GLY A 22 -4.28 12.23 13.68
CA GLY A 22 -5.01 11.28 12.85
C GLY A 22 -6.21 10.69 13.57
N ASN A 23 -6.92 11.52 14.32
CA ASN A 23 -8.10 11.09 15.05
C ASN A 23 -7.78 10.02 16.10
N GLY A 24 -6.50 9.73 16.29
CA GLY A 24 -6.10 8.73 17.26
C GLY A 24 -6.79 7.40 17.05
N VAL A 25 -6.18 6.55 16.23
CA VAL A 25 -6.74 5.23 15.94
C VAL A 25 -6.91 4.41 17.22
N SER A 26 -7.05 3.11 17.07
CA SER A 26 -7.23 2.21 18.21
C SER A 26 -6.38 0.95 18.05
N CYS A 27 -5.82 0.48 19.16
CA CYS A 27 -4.98 -0.71 19.15
C CYS A 27 -5.82 -1.96 19.46
N SER A 28 -5.73 -2.95 18.58
CA SER A 28 -6.47 -4.19 18.76
C SER A 28 -5.76 -5.36 18.08
N LYS A 29 -5.25 -6.27 18.89
CA LYS A 29 -4.54 -7.45 18.39
C LYS A 29 -3.31 -7.09 17.56
N THR A 30 -3.02 -5.79 17.44
CA THR A 30 -1.87 -5.34 16.67
C THR A 30 -1.34 -4.01 17.21
N LYS A 31 -0.30 -3.49 16.56
CA LYS A 31 0.29 -2.23 16.96
C LYS A 31 -0.67 -1.08 16.73
N CYS A 32 -0.25 0.13 17.09
CA CYS A 32 -1.08 1.32 16.92
C CYS A 32 -0.69 2.07 15.65
N SER A 33 -0.67 1.36 14.53
CA SER A 33 -0.32 1.97 13.25
C SER A 33 -0.98 1.23 12.09
N VAL A 34 -0.87 1.80 10.89
CA VAL A 34 -1.46 1.19 9.70
C VAL A 34 -0.43 0.38 8.94
N ASN A 35 0.41 -0.37 9.67
CA ASN A 35 1.45 -1.17 9.05
C ASN A 35 2.41 -0.27 8.28
N TRP A 36 3.19 0.51 9.02
CA TRP A 36 4.14 1.42 8.42
C TRP A 36 5.39 0.71 7.91
N GLY A 37 5.35 -0.62 7.86
CA GLY A 37 6.50 -1.37 7.38
C GLY A 37 6.19 -2.13 6.11
N GLN A 38 5.16 -2.97 6.15
CA GLN A 38 4.75 -3.75 5.00
C GLN A 38 4.43 -2.85 3.82
N ALA A 39 3.33 -2.10 3.92
CA ALA A 39 2.94 -1.20 2.84
C ALA A 39 3.94 -0.09 2.63
N PHE A 40 4.95 -0.07 3.46
CA PHE A 40 6.03 0.90 3.35
C PHE A 40 6.86 0.50 2.14
N GLN A 41 7.06 -0.81 2.04
CA GLN A 41 7.79 -1.39 0.93
C GLN A 41 6.90 -1.38 -0.31
N GLU A 42 5.58 -1.31 -0.08
CA GLU A 42 4.60 -1.28 -1.16
C GLU A 42 4.71 0.01 -1.96
N ARG A 43 4.60 1.14 -1.27
CA ARG A 43 4.68 2.45 -1.90
C ARG A 43 6.01 2.63 -2.61
N TYR A 44 7.04 1.95 -2.10
CA TYR A 44 8.38 2.03 -2.67
C TYR A 44 8.40 1.42 -4.07
N THR A 45 7.83 0.22 -4.20
CA THR A 45 7.78 -0.47 -5.48
C THR A 45 6.87 0.26 -6.46
N ALA A 46 5.77 0.82 -5.94
CA ALA A 46 4.82 1.54 -6.76
C ALA A 46 5.42 2.84 -7.30
N GLY A 47 6.38 3.38 -6.57
CA GLY A 47 7.02 4.62 -6.98
C GLY A 47 8.16 4.40 -7.95
N ILE A 48 9.06 3.49 -7.61
CA ILE A 48 10.20 3.18 -8.46
C ILE A 48 9.75 2.72 -9.84
N ASN A 49 8.61 2.05 -9.89
CA ASN A 49 8.08 1.55 -11.16
C ASN A 49 8.03 2.66 -12.21
N SER A 50 7.23 3.69 -11.94
CA SER A 50 7.10 4.81 -12.85
C SER A 50 8.45 5.50 -13.04
N PHE A 51 9.26 5.50 -12.00
CA PHE A 51 10.58 6.13 -12.04
C PHE A 51 11.50 5.38 -13.00
N VAL A 52 11.41 4.06 -13.00
CA VAL A 52 12.24 3.23 -13.87
C VAL A 52 12.09 3.65 -15.32
N SER A 53 10.97 3.29 -15.95
CA SER A 53 10.74 3.61 -17.34
C SER A 53 11.02 5.07 -17.64
N GLY A 54 10.39 5.96 -16.91
CA GLY A 54 10.64 7.37 -17.15
C GLY A 54 12.09 7.57 -17.55
N VAL A 55 12.96 6.87 -16.82
CA VAL A 55 14.38 6.88 -17.08
C VAL A 55 14.80 5.76 -18.02
N ALA A 56 14.75 4.53 -17.50
CA ALA A 56 15.17 3.34 -18.24
C ALA A 56 14.10 2.76 -19.15
N SER A 57 13.13 2.10 -18.51
CA SER A 57 12.05 1.41 -19.18
C SER A 57 11.14 2.31 -20.02
N GLY A 58 11.48 3.59 -20.12
CA GLY A 58 10.66 4.51 -20.90
C GLY A 58 11.32 4.90 -22.21
N ALA A 59 12.55 5.41 -22.12
CA ALA A 59 13.29 5.83 -23.31
C ALA A 59 14.72 6.17 -22.97
N GLY A 60 14.90 6.83 -21.83
CA GLY A 60 16.22 7.23 -21.39
C GLY A 60 16.96 8.06 -22.41
N SER A 61 16.21 8.72 -23.29
CA SER A 61 16.80 9.56 -24.33
C SER A 61 16.54 11.04 -24.06
N ILE A 62 15.41 11.32 -23.44
CA ILE A 62 15.02 12.69 -23.12
C ILE A 62 13.83 12.72 -22.17
N GLY A 63 13.87 11.88 -21.13
CA GLY A 63 12.79 11.84 -20.17
C GLY A 63 12.73 13.08 -19.31
N ARG A 64 12.73 12.88 -17.99
CA ARG A 64 12.69 14.00 -17.06
C ARG A 64 13.87 13.95 -16.09
N MET A 1 -13.39 5.13 62.56
CA MET A 1 -14.66 4.50 62.11
C MET A 1 -14.38 3.28 61.24
N ASN A 2 -14.25 2.12 61.88
CA ASN A 2 -13.99 0.87 61.15
C ASN A 2 -15.30 0.20 60.74
N SER A 3 -15.84 0.64 59.60
CA SER A 3 -17.09 0.08 59.10
C SER A 3 -16.84 -1.25 58.38
N VAL A 4 -17.45 -2.31 58.89
CA VAL A 4 -17.29 -3.63 58.29
C VAL A 4 -18.45 -3.92 57.33
N LYS A 5 -19.56 -3.26 57.55
CA LYS A 5 -20.71 -3.42 56.68
C LYS A 5 -20.53 -2.55 55.44
N GLU A 6 -19.85 -1.42 55.63
CA GLU A 6 -19.58 -0.50 54.54
C GLU A 6 -18.45 -1.04 53.69
N LEU A 7 -17.44 -1.58 54.35
CA LEU A 7 -16.29 -2.15 53.66
C LEU A 7 -16.68 -3.44 52.94
N ASN A 8 -17.73 -4.10 53.42
CA ASN A 8 -18.20 -5.33 52.82
C ASN A 8 -18.78 -5.06 51.43
N VAL A 9 -19.41 -3.91 51.28
CA VAL A 9 -20.02 -3.52 50.02
C VAL A 9 -18.95 -3.11 49.00
N LYS A 10 -17.83 -2.59 49.50
CA LYS A 10 -16.75 -2.16 48.63
C LYS A 10 -16.26 -3.30 47.74
N GLU A 11 -16.42 -4.53 48.22
CA GLU A 11 -16.00 -5.71 47.46
C GLU A 11 -16.70 -5.76 46.10
N MET A 12 -17.99 -6.08 46.14
CA MET A 12 -18.80 -6.17 44.93
C MET A 12 -18.72 -4.88 44.12
N LYS A 13 -18.58 -3.75 44.83
CA LYS A 13 -18.50 -2.45 44.19
C LYS A 13 -17.39 -2.43 43.13
N GLN A 14 -16.15 -2.62 43.57
CA GLN A 14 -15.03 -2.64 42.65
C GLN A 14 -14.82 -4.02 42.03
N LEU A 15 -15.85 -4.84 42.10
CA LEU A 15 -15.79 -6.19 41.54
C LEU A 15 -16.24 -6.19 40.09
N HIS A 16 -17.48 -5.76 39.89
CA HIS A 16 -18.06 -5.69 38.55
C HIS A 16 -17.35 -4.66 37.70
N GLY A 17 -16.68 -3.71 38.35
CA GLY A 17 -15.97 -2.66 37.63
C GLY A 17 -14.70 -2.24 38.33
N GLY A 18 -13.58 -2.30 37.62
CA GLY A 18 -12.31 -1.92 38.20
C GLY A 18 -11.20 -1.82 37.16
N VAL A 19 -11.56 -1.35 35.97
CA VAL A 19 -10.59 -1.21 34.89
C VAL A 19 -10.65 0.19 34.28
N ASN A 20 -9.59 0.95 34.48
CA ASN A 20 -9.51 2.31 33.95
C ASN A 20 -8.17 2.56 33.28
N TYR A 21 -7.72 1.60 32.47
CA TYR A 21 -6.45 1.72 31.77
C TYR A 21 -5.29 1.83 32.76
N GLY A 22 -5.28 0.93 33.74
CA GLY A 22 -4.22 0.94 34.74
C GLY A 22 -2.87 0.64 34.14
N ASN A 23 -2.85 -0.14 33.07
CA ASN A 23 -1.61 -0.50 32.40
C ASN A 23 -1.25 0.49 31.32
N GLY A 24 -2.04 0.50 30.26
CA GLY A 24 -1.81 1.41 29.16
C GLY A 24 -0.85 0.85 28.13
N VAL A 25 -1.40 0.37 27.01
CA VAL A 25 -0.58 -0.18 25.94
C VAL A 25 0.40 0.84 25.40
N SER A 26 1.43 0.38 24.71
CA SER A 26 2.44 1.27 24.14
C SER A 26 3.21 0.58 23.02
N CYS A 27 4.15 1.31 22.42
CA CYS A 27 4.97 0.78 21.34
C CYS A 27 5.74 -0.47 21.80
N SER A 28 5.40 -1.60 21.20
CA SER A 28 6.05 -2.87 21.54
C SER A 28 5.82 -3.91 20.46
N LYS A 29 6.89 -4.30 19.78
CA LYS A 29 6.80 -5.30 18.72
C LYS A 29 5.89 -4.85 17.59
N THR A 30 5.50 -3.59 17.60
CA THR A 30 4.62 -3.05 16.58
C THR A 30 4.86 -1.55 16.37
N LYS A 31 5.83 -0.98 17.07
CA LYS A 31 6.15 0.44 16.93
C LYS A 31 4.91 1.30 17.12
N CYS A 32 3.98 0.78 17.89
CA CYS A 32 2.72 1.45 18.19
C CYS A 32 2.15 2.16 16.96
N SER A 33 2.22 1.48 15.81
CA SER A 33 1.71 2.04 14.56
C SER A 33 1.23 0.94 13.63
N VAL A 34 0.44 1.33 12.62
CA VAL A 34 -0.10 0.39 11.65
C VAL A 34 1.03 -0.30 10.88
N ASN A 35 0.69 -0.93 9.76
CA ASN A 35 1.68 -1.63 8.94
C ASN A 35 2.45 -0.64 8.07
N TRP A 36 3.05 0.35 8.72
CA TRP A 36 3.81 1.38 8.03
C TRP A 36 5.16 0.85 7.52
N GLY A 37 5.40 -0.45 7.68
CA GLY A 37 6.66 -1.03 7.25
C GLY A 37 6.49 -1.92 6.02
N GLN A 38 5.64 -2.93 6.15
CA GLN A 38 5.39 -3.85 5.04
C GLN A 38 4.96 -3.10 3.79
N ALA A 39 3.79 -2.47 3.84
CA ALA A 39 3.31 -1.71 2.69
C ALA A 39 4.20 -0.52 2.39
N PHE A 40 5.18 -0.32 3.24
CA PHE A 40 6.16 0.74 3.06
C PHE A 40 7.02 0.34 1.88
N GLN A 41 7.33 -0.96 1.84
CA GLN A 41 8.10 -1.53 0.76
C GLN A 41 7.20 -1.63 -0.48
N GLU A 42 5.89 -1.67 -0.23
CA GLU A 42 4.90 -1.76 -1.29
C GLU A 42 4.73 -0.39 -1.97
N ARG A 43 4.58 0.65 -1.17
CA ARG A 43 4.40 2.00 -1.68
C ARG A 43 5.61 2.44 -2.49
N TYR A 44 6.77 1.97 -2.07
CA TYR A 44 8.02 2.31 -2.74
C TYR A 44 8.04 1.77 -4.16
N THR A 45 7.37 0.64 -4.36
CA THR A 45 7.31 0.01 -5.68
C THR A 45 6.48 0.86 -6.65
N ALA A 46 5.35 1.38 -6.16
CA ALA A 46 4.48 2.20 -6.98
C ALA A 46 5.21 3.44 -7.48
N GLY A 47 5.96 4.08 -6.60
CA GLY A 47 6.70 5.27 -6.97
C GLY A 47 7.86 4.99 -7.90
N ILE A 48 8.74 4.08 -7.48
CA ILE A 48 9.90 3.70 -8.28
C ILE A 48 9.48 3.19 -9.66
N ASN A 49 8.26 2.65 -9.73
CA ASN A 49 7.74 2.13 -11.00
C ASN A 49 7.87 3.15 -12.12
N SER A 50 7.12 4.24 -12.00
CA SER A 50 7.15 5.29 -13.01
C SER A 50 8.56 5.88 -13.13
N PHE A 51 9.28 5.89 -12.02
CA PHE A 51 10.64 6.43 -12.00
C PHE A 51 11.56 5.59 -12.87
N VAL A 52 11.49 4.26 -12.69
CA VAL A 52 12.32 3.34 -13.46
C VAL A 52 12.12 3.52 -14.96
N SER A 53 11.00 3.04 -15.47
CA SER A 53 10.70 3.12 -16.88
C SER A 53 10.94 4.50 -17.43
N GLY A 54 10.70 5.52 -16.64
CA GLY A 54 10.99 6.85 -17.13
C GLY A 54 12.40 6.88 -17.65
N VAL A 55 13.30 6.37 -16.82
CA VAL A 55 14.71 6.25 -17.13
C VAL A 55 15.07 4.90 -17.76
N ALA A 56 14.82 3.83 -16.99
CA ALA A 56 15.18 2.46 -17.38
C ALA A 56 14.20 1.75 -18.30
N SER A 57 13.08 1.36 -17.71
CA SER A 57 12.08 0.57 -18.38
C SER A 57 11.46 1.25 -19.61
N GLY A 58 11.67 2.56 -19.75
CA GLY A 58 11.13 3.26 -20.90
C GLY A 58 9.62 3.18 -20.98
N ALA A 59 8.97 3.68 -19.94
CA ALA A 59 7.52 3.67 -19.88
C ALA A 59 7.01 4.61 -18.80
N GLY A 60 7.61 5.79 -18.72
CA GLY A 60 7.20 6.76 -17.71
C GLY A 60 6.54 7.98 -18.34
N SER A 61 6.91 8.29 -19.57
CA SER A 61 6.35 9.43 -20.28
C SER A 61 6.34 9.19 -21.79
N ILE A 62 6.19 7.93 -22.19
CA ILE A 62 6.18 7.56 -23.60
C ILE A 62 4.85 6.91 -23.98
N GLY A 63 3.75 7.59 -23.65
CA GLY A 63 2.43 7.06 -23.96
C GLY A 63 1.59 8.04 -24.73
N ARG A 64 1.67 9.32 -24.37
CA ARG A 64 0.90 10.36 -25.04
C ARG A 64 -0.60 10.11 -24.89
N MET A 1 -16.07 -15.85 25.39
CA MET A 1 -17.15 -15.22 26.19
C MET A 1 -17.14 -13.70 26.06
N ASN A 2 -18.09 -13.04 26.70
CA ASN A 2 -18.18 -11.58 26.63
C ASN A 2 -17.39 -10.93 27.77
N SER A 3 -16.17 -11.42 27.99
CA SER A 3 -15.31 -10.89 29.03
C SER A 3 -14.39 -9.81 28.48
N VAL A 4 -14.48 -8.61 29.06
CA VAL A 4 -13.65 -7.50 28.62
C VAL A 4 -12.40 -7.38 29.48
N LYS A 5 -12.48 -7.91 30.70
CA LYS A 5 -11.34 -7.91 31.60
C LYS A 5 -10.41 -9.05 31.27
N GLU A 6 -11.01 -10.16 30.81
CA GLU A 6 -10.25 -11.33 30.42
C GLU A 6 -9.65 -11.13 29.05
N LEU A 7 -10.42 -10.48 28.18
CA LEU A 7 -9.97 -10.21 26.82
C LEU A 7 -8.90 -9.12 26.83
N ASN A 8 -8.92 -8.27 27.85
CA ASN A 8 -7.95 -7.19 27.97
C ASN A 8 -6.55 -7.74 28.24
N VAL A 9 -6.49 -8.92 28.84
CA VAL A 9 -5.21 -9.55 29.16
C VAL A 9 -4.56 -10.12 27.90
N LYS A 10 -5.19 -11.14 27.32
CA LYS A 10 -4.68 -11.78 26.12
C LYS A 10 -4.33 -10.75 25.05
N GLU A 11 -5.02 -9.61 25.09
CA GLU A 11 -4.79 -8.55 24.11
C GLU A 11 -3.35 -8.04 24.20
N MET A 12 -3.08 -7.21 25.19
CA MET A 12 -1.76 -6.64 25.41
C MET A 12 -0.71 -7.74 25.56
N LYS A 13 -1.11 -8.87 26.14
CA LYS A 13 -0.21 -10.00 26.34
C LYS A 13 0.45 -10.40 25.04
N GLN A 14 -0.36 -10.84 24.07
CA GLN A 14 0.15 -11.25 22.77
C GLN A 14 0.31 -10.05 21.83
N LEU A 15 0.33 -8.86 22.41
CA LEU A 15 0.49 -7.64 21.63
C LEU A 15 1.96 -7.29 21.49
N HIS A 16 2.58 -6.98 22.61
CA HIS A 16 3.99 -6.62 22.64
C HIS A 16 4.87 -7.84 22.45
N GLY A 17 4.33 -9.01 22.74
CA GLY A 17 5.07 -10.25 22.59
C GLY A 17 4.29 -11.32 21.85
N GLY A 18 4.81 -12.54 21.88
CA GLY A 18 4.14 -13.64 21.19
C GLY A 18 3.98 -13.38 19.70
N VAL A 19 5.03 -13.70 18.94
CA VAL A 19 5.00 -13.51 17.49
C VAL A 19 4.23 -14.63 16.81
N ASN A 20 3.08 -14.29 16.23
CA ASN A 20 2.26 -15.27 15.53
C ASN A 20 1.27 -14.57 14.60
N TYR A 21 1.80 -13.99 13.52
CA TYR A 21 0.96 -13.29 12.55
C TYR A 21 0.20 -12.14 13.21
N GLY A 22 0.88 -11.42 14.09
CA GLY A 22 0.26 -10.30 14.78
C GLY A 22 1.04 -9.02 14.60
N ASN A 23 1.77 -8.63 15.65
CA ASN A 23 2.57 -7.41 15.62
C ASN A 23 1.71 -6.16 15.44
N GLY A 24 0.39 -6.32 15.49
CA GLY A 24 -0.51 -5.20 15.32
C GLY A 24 -1.93 -5.54 15.69
N VAL A 25 -2.15 -5.87 16.97
CA VAL A 25 -3.47 -6.22 17.48
C VAL A 25 -4.26 -7.08 16.48
N SER A 26 -5.57 -7.13 16.67
CA SER A 26 -6.43 -7.91 15.79
C SER A 26 -7.81 -7.27 15.67
N CYS A 27 -8.33 -7.21 14.45
CA CYS A 27 -9.63 -6.63 14.19
C CYS A 27 -10.73 -7.42 14.90
N SER A 28 -11.39 -6.78 15.86
CA SER A 28 -12.46 -7.42 16.61
C SER A 28 -13.25 -6.41 17.44
N LYS A 29 -14.49 -6.18 17.05
CA LYS A 29 -15.36 -5.24 17.75
C LYS A 29 -14.78 -3.83 17.80
N THR A 30 -13.64 -3.64 17.15
CA THR A 30 -12.99 -2.33 17.12
C THR A 30 -12.15 -2.19 15.85
N LYS A 31 -11.72 -0.97 15.56
CA LYS A 31 -10.91 -0.71 14.38
C LYS A 31 -9.69 -1.62 14.35
N CYS A 32 -8.82 -1.42 13.37
CA CYS A 32 -7.63 -2.20 13.23
C CYS A 32 -6.42 -1.27 13.37
N SER A 33 -5.46 -1.46 12.50
CA SER A 33 -4.24 -0.65 12.49
C SER A 33 -3.81 -0.33 11.07
N VAL A 34 -2.90 0.62 10.94
CA VAL A 34 -2.40 1.03 9.62
C VAL A 34 -1.20 0.20 9.21
N ASN A 35 -0.99 0.07 7.91
CA ASN A 35 0.13 -0.71 7.38
C ASN A 35 1.32 0.21 7.06
N TRP A 36 1.78 0.93 8.07
CA TRP A 36 2.89 1.86 7.90
C TRP A 36 4.19 1.11 7.57
N GLY A 37 4.18 -0.20 7.74
CA GLY A 37 5.36 -1.00 7.44
C GLY A 37 5.22 -1.78 6.15
N GLN A 38 4.23 -2.66 6.12
CA GLN A 38 3.97 -3.48 4.93
C GLN A 38 3.80 -2.60 3.70
N ALA A 39 2.75 -1.77 3.69
CA ALA A 39 2.52 -0.88 2.56
C ALA A 39 3.63 0.15 2.41
N PHE A 40 4.53 0.13 3.34
CA PHE A 40 5.69 1.01 3.30
C PHE A 40 6.59 0.50 2.20
N GLN A 41 6.70 -0.81 2.13
CA GLN A 41 7.47 -1.48 1.11
C GLN A 41 6.69 -1.46 -0.21
N GLU A 42 5.37 -1.28 -0.10
CA GLU A 42 4.49 -1.23 -1.26
C GLU A 42 4.75 0.05 -2.07
N ARG A 43 4.61 1.19 -1.41
CA ARG A 43 4.81 2.48 -2.07
C ARG A 43 6.23 2.58 -2.65
N TYR A 44 7.16 1.87 -2.02
CA TYR A 44 8.54 1.88 -2.46
C TYR A 44 8.68 1.22 -3.82
N THR A 45 7.98 0.11 -4.01
CA THR A 45 8.02 -0.61 -5.28
C THR A 45 7.33 0.18 -6.39
N ALA A 46 6.19 0.77 -6.05
CA ALA A 46 5.43 1.56 -7.02
C ALA A 46 6.23 2.79 -7.46
N GLY A 47 7.06 3.31 -6.56
CA GLY A 47 7.86 4.49 -6.88
C GLY A 47 8.94 4.19 -7.90
N ILE A 48 9.74 3.15 -7.63
CA ILE A 48 10.81 2.77 -8.54
C ILE A 48 10.27 2.40 -9.90
N ASN A 49 9.13 1.72 -9.92
CA ASN A 49 8.51 1.30 -11.18
C ASN A 49 8.33 2.49 -12.11
N SER A 50 7.52 3.45 -11.69
CA SER A 50 7.28 4.65 -12.50
C SER A 50 8.58 5.41 -12.73
N PHE A 51 9.49 5.32 -11.76
CA PHE A 51 10.78 6.00 -11.86
C PHE A 51 11.62 5.40 -12.98
N VAL A 52 11.70 4.07 -13.01
CA VAL A 52 12.48 3.38 -14.03
C VAL A 52 12.04 3.80 -15.42
N SER A 53 10.86 3.35 -15.85
CA SER A 53 10.35 3.66 -17.17
C SER A 53 10.46 5.14 -17.48
N GLY A 54 9.91 5.97 -16.63
CA GLY A 54 10.01 7.41 -16.87
C GLY A 54 11.34 7.71 -17.52
N VAL A 55 12.38 7.09 -16.97
CA VAL A 55 13.72 7.22 -17.48
C VAL A 55 14.05 6.13 -18.51
N ALA A 56 14.20 4.90 -18.01
CA ALA A 56 14.56 3.75 -18.82
C ALA A 56 13.40 3.09 -19.54
N SER A 57 12.61 2.36 -18.76
CA SER A 57 11.48 1.58 -19.25
C SER A 57 10.37 2.42 -19.89
N GLY A 58 10.60 3.72 -20.03
CA GLY A 58 9.60 4.58 -20.64
C GLY A 58 10.22 5.76 -21.36
N ALA A 59 11.18 5.49 -22.24
CA ALA A 59 11.84 6.54 -23.00
C ALA A 59 10.85 7.33 -23.84
N GLY A 60 9.69 6.74 -24.11
CA GLY A 60 8.69 7.42 -24.90
C GLY A 60 7.91 6.47 -25.79
N SER A 61 7.38 5.41 -25.19
CA SER A 61 6.60 4.42 -25.94
C SER A 61 5.11 4.58 -25.68
N ILE A 62 4.78 5.23 -24.58
CA ILE A 62 3.38 5.45 -24.21
C ILE A 62 3.20 6.79 -23.49
N GLY A 63 3.28 7.88 -24.26
CA GLY A 63 3.13 9.20 -23.69
C GLY A 63 1.99 9.97 -24.33
N ARG A 64 1.90 9.91 -25.66
CA ARG A 64 0.85 10.61 -26.38
C ARG A 64 -0.53 10.10 -25.99
N MET A 1 17.73 0.46 36.91
CA MET A 1 16.91 1.52 37.54
C MET A 1 15.43 1.17 37.51
N ASN A 2 14.67 1.75 38.44
CA ASN A 2 13.23 1.50 38.52
C ASN A 2 12.46 2.48 37.66
N SER A 3 12.22 2.11 36.41
CA SER A 3 11.49 2.95 35.48
C SER A 3 9.98 2.81 35.68
N VAL A 4 9.36 3.84 36.22
CA VAL A 4 7.92 3.82 36.45
C VAL A 4 7.18 4.48 35.30
N LYS A 5 7.87 5.32 34.56
CA LYS A 5 7.29 5.99 33.42
C LYS A 5 7.35 5.07 32.21
N GLU A 6 8.41 4.25 32.16
CA GLU A 6 8.59 3.29 31.09
C GLU A 6 7.69 2.08 31.31
N LEU A 7 7.58 1.67 32.56
CA LEU A 7 6.74 0.54 32.92
C LEU A 7 5.27 0.91 32.83
N ASN A 8 4.97 2.20 32.97
CA ASN A 8 3.60 2.68 32.89
C ASN A 8 3.08 2.62 31.46
N VAL A 9 4.00 2.67 30.50
CA VAL A 9 3.62 2.62 29.09
C VAL A 9 3.22 1.21 28.68
N LYS A 10 4.00 0.23 29.12
CA LYS A 10 3.72 -1.17 28.80
C LYS A 10 2.30 -1.56 29.22
N GLU A 11 1.81 -0.92 30.28
CA GLU A 11 0.47 -1.19 30.78
C GLU A 11 -0.58 -0.92 29.71
N MET A 12 -0.91 0.34 29.53
CA MET A 12 -1.90 0.76 28.55
C MET A 12 -1.58 0.17 27.17
N LYS A 13 -0.30 -0.09 26.92
CA LYS A 13 0.13 -0.65 25.64
C LYS A 13 -0.63 -1.93 25.33
N GLN A 14 -0.37 -2.97 26.10
CA GLN A 14 -1.05 -4.25 25.90
C GLN A 14 -2.40 -4.30 26.59
N LEU A 15 -2.92 -3.14 26.94
CA LEU A 15 -4.21 -3.04 27.61
C LEU A 15 -5.33 -2.93 26.58
N HIS A 16 -5.14 -2.03 25.64
CA HIS A 16 -6.10 -1.79 24.58
C HIS A 16 -6.31 -3.05 23.73
N GLY A 17 -5.34 -3.95 23.77
CA GLY A 17 -5.43 -5.18 23.01
C GLY A 17 -4.24 -5.39 22.11
N GLY A 18 -4.24 -4.71 20.97
CA GLY A 18 -3.14 -4.84 20.03
C GLY A 18 -3.41 -4.12 18.72
N VAL A 19 -3.28 -2.80 18.73
CA VAL A 19 -3.50 -1.99 17.54
C VAL A 19 -2.66 -0.72 17.57
N ASN A 20 -2.02 -0.40 16.45
CA ASN A 20 -1.18 0.78 16.35
C ASN A 20 -1.36 1.45 14.99
N TYR A 21 -2.60 1.51 14.52
CA TYR A 21 -2.92 2.12 13.23
C TYR A 21 -1.92 1.71 12.16
N GLY A 22 -1.51 0.45 12.20
CA GLY A 22 -0.55 -0.05 11.22
C GLY A 22 -0.63 -1.56 11.04
N ASN A 23 -1.77 -2.14 11.40
CA ASN A 23 -1.96 -3.58 11.28
C ASN A 23 -3.12 -3.93 10.36
N GLY A 24 -4.01 -2.95 10.14
CA GLY A 24 -5.16 -3.19 9.29
C GLY A 24 -6.40 -3.58 10.07
N VAL A 25 -7.14 -2.59 10.54
CA VAL A 25 -8.35 -2.84 11.31
C VAL A 25 -9.49 -3.29 10.39
N SER A 26 -10.72 -3.19 10.89
CA SER A 26 -11.89 -3.58 10.12
C SER A 26 -12.65 -2.36 9.61
N CYS A 27 -13.21 -2.47 8.41
CA CYS A 27 -13.96 -1.38 7.81
C CYS A 27 -15.47 -1.62 7.92
N SER A 28 -16.14 -0.76 8.69
CA SER A 28 -17.58 -0.89 8.87
C SER A 28 -18.21 0.47 9.16
N LYS A 29 -19.01 0.94 8.23
CA LYS A 29 -19.70 2.22 8.36
C LYS A 29 -18.73 3.40 8.51
N THR A 30 -17.43 3.11 8.43
CA THR A 30 -16.42 4.15 8.54
C THR A 30 -15.16 3.79 7.77
N LYS A 31 -14.10 4.57 7.97
CA LYS A 31 -12.83 4.33 7.28
C LYS A 31 -12.20 3.02 7.77
N CYS A 32 -10.92 2.85 7.47
CA CYS A 32 -10.19 1.68 7.85
C CYS A 32 -8.95 2.12 8.63
N SER A 33 -7.83 1.51 8.32
CA SER A 33 -6.57 1.82 8.99
C SER A 33 -5.46 2.03 7.96
N VAL A 34 -4.41 2.74 8.37
CA VAL A 34 -3.28 3.01 7.48
C VAL A 34 -2.21 1.94 7.61
N ASN A 35 -1.36 1.83 6.60
CA ASN A 35 -0.29 0.84 6.59
C ASN A 35 1.06 1.51 6.32
N TRP A 36 1.55 2.26 7.30
CA TRP A 36 2.82 2.96 7.16
C TRP A 36 4.00 2.00 7.05
N GLY A 37 3.75 0.72 7.34
CA GLY A 37 4.80 -0.28 7.27
C GLY A 37 4.64 -1.19 6.06
N GLN A 38 3.51 -1.90 6.02
CA GLN A 38 3.24 -2.81 4.91
C GLN A 38 3.32 -2.06 3.59
N ALA A 39 2.43 -1.09 3.40
CA ALA A 39 2.46 -0.32 2.16
C ALA A 39 3.72 0.50 2.01
N PHE A 40 4.53 0.47 3.05
CA PHE A 40 5.81 1.15 3.04
C PHE A 40 6.70 0.42 2.06
N GLN A 41 6.60 -0.91 2.11
CA GLN A 41 7.32 -1.77 1.22
C GLN A 41 6.67 -1.74 -0.16
N GLU A 42 5.39 -1.39 -0.18
CA GLU A 42 4.61 -1.30 -1.41
C GLU A 42 5.01 -0.06 -2.22
N ARG A 43 4.79 1.11 -1.64
CA ARG A 43 5.13 2.36 -2.31
C ARG A 43 6.59 2.38 -2.76
N TYR A 44 7.42 1.64 -2.04
CA TYR A 44 8.84 1.57 -2.37
C TYR A 44 9.04 0.91 -3.72
N THR A 45 8.33 -0.18 -3.96
CA THR A 45 8.42 -0.91 -5.21
C THR A 45 7.63 -0.20 -6.30
N ALA A 46 6.43 0.26 -5.96
CA ALA A 46 5.57 0.95 -6.91
C ALA A 46 6.18 2.30 -7.31
N GLY A 47 6.91 2.90 -6.37
CA GLY A 47 7.54 4.18 -6.64
C GLY A 47 8.67 4.08 -7.66
N ILE A 48 9.60 3.18 -7.41
CA ILE A 48 10.74 2.99 -8.31
C ILE A 48 10.26 2.59 -9.70
N ASN A 49 9.12 1.90 -9.76
CA ASN A 49 8.56 1.46 -11.03
C ASN A 49 8.37 2.65 -11.98
N SER A 50 7.61 3.64 -11.54
CA SER A 50 7.36 4.83 -12.34
C SER A 50 8.66 5.55 -12.64
N PHE A 51 9.60 5.49 -11.70
CA PHE A 51 10.89 6.14 -11.86
C PHE A 51 11.67 5.51 -13.01
N VAL A 52 11.74 4.19 -13.02
CA VAL A 52 12.45 3.46 -14.07
C VAL A 52 11.96 3.87 -15.45
N SER A 53 10.76 3.41 -15.82
CA SER A 53 10.21 3.72 -17.13
C SER A 53 10.29 5.19 -17.45
N GLY A 54 9.77 6.02 -16.58
CA GLY A 54 9.86 7.46 -16.83
C GLY A 54 11.16 7.77 -17.54
N VAL A 55 12.22 7.16 -17.02
CA VAL A 55 13.54 7.29 -17.59
C VAL A 55 13.83 6.20 -18.63
N ALA A 56 14.01 4.97 -18.14
CA ALA A 56 14.34 3.82 -18.96
C ALA A 56 13.15 3.16 -19.63
N SER A 57 12.41 2.42 -18.81
CA SER A 57 11.27 1.63 -19.24
C SER A 57 10.13 2.45 -19.84
N GLY A 58 10.31 3.77 -19.97
CA GLY A 58 9.27 4.61 -20.53
C GLY A 58 9.64 5.16 -21.89
N ALA A 59 10.49 4.44 -22.61
CA ALA A 59 10.94 4.86 -23.93
C ALA A 59 9.83 4.67 -24.97
N GLY A 60 8.90 3.78 -24.67
CA GLY A 60 7.81 3.51 -25.59
C GLY A 60 8.22 2.63 -26.74
N SER A 61 8.27 1.32 -26.50
CA SER A 61 8.64 0.36 -27.53
C SER A 61 7.46 -0.02 -28.42
N ILE A 62 6.29 0.54 -28.12
CA ILE A 62 5.08 0.26 -28.89
C ILE A 62 4.95 -1.23 -29.21
N GLY A 63 5.18 -2.07 -28.22
CA GLY A 63 5.09 -3.50 -28.41
C GLY A 63 3.66 -3.96 -28.66
N ARG A 64 3.04 -4.55 -27.65
CA ARG A 64 1.67 -5.03 -27.76
C ARG A 64 0.80 -4.50 -26.63
N MET A 1 38.80 -9.54 36.11
CA MET A 1 37.76 -10.45 36.66
C MET A 1 36.54 -10.52 35.75
N ASN A 2 36.74 -11.00 34.53
CA ASN A 2 35.65 -11.12 33.56
C ASN A 2 34.95 -12.46 33.70
N SER A 3 33.80 -12.45 34.38
CA SER A 3 33.02 -13.67 34.59
C SER A 3 32.19 -13.99 33.35
N VAL A 4 32.51 -15.12 32.71
CA VAL A 4 31.79 -15.55 31.52
C VAL A 4 30.68 -16.53 31.88
N LYS A 5 30.82 -17.18 33.03
CA LYS A 5 29.82 -18.10 33.50
C LYS A 5 28.73 -17.34 34.24
N GLU A 6 29.13 -16.24 34.88
CA GLU A 6 28.20 -15.40 35.61
C GLU A 6 27.46 -14.49 34.65
N LEU A 7 28.19 -14.04 33.61
CA LEU A 7 27.60 -13.16 32.61
C LEU A 7 26.74 -13.95 31.63
N ASN A 8 27.01 -15.25 31.52
CA ASN A 8 26.25 -16.10 30.61
C ASN A 8 24.89 -16.45 31.21
N VAL A 9 24.87 -16.66 32.51
CA VAL A 9 23.63 -17.01 33.21
C VAL A 9 22.73 -15.80 33.36
N LYS A 10 23.33 -14.66 33.71
CA LYS A 10 22.57 -13.43 33.88
C LYS A 10 22.01 -12.95 32.56
N GLU A 11 22.70 -13.29 31.46
CA GLU A 11 22.26 -12.89 30.13
C GLU A 11 20.85 -13.38 29.85
N MET A 12 20.59 -14.61 30.25
CA MET A 12 19.27 -15.22 30.06
C MET A 12 18.17 -14.37 30.70
N LYS A 13 18.46 -13.89 31.92
CA LYS A 13 17.50 -13.06 32.65
C LYS A 13 17.08 -11.87 31.79
N GLN A 14 18.06 -11.10 31.32
CA GLN A 14 17.77 -9.95 30.48
C GLN A 14 17.64 -10.35 29.01
N LEU A 15 17.45 -11.65 28.77
CA LEU A 15 17.29 -12.17 27.42
C LEU A 15 15.82 -12.16 27.02
N HIS A 16 15.05 -12.95 27.73
CA HIS A 16 13.62 -13.05 27.47
C HIS A 16 12.88 -11.80 27.92
N GLY A 17 13.49 -11.06 28.85
CA GLY A 17 12.88 -9.85 29.36
C GLY A 17 13.48 -8.60 28.75
N GLY A 18 12.71 -7.92 27.91
CA GLY A 18 13.20 -6.71 27.27
C GLY A 18 12.07 -5.83 26.78
N VAL A 19 11.42 -5.11 27.68
CA VAL A 19 10.32 -4.23 27.34
C VAL A 19 10.78 -3.12 26.41
N ASN A 20 9.85 -2.58 25.63
CA ASN A 20 10.17 -1.50 24.69
C ASN A 20 8.95 -0.64 24.43
N TYR A 21 8.18 -0.36 25.48
CA TYR A 21 6.98 0.46 25.36
C TYR A 21 5.98 -0.18 24.41
N GLY A 22 5.27 -1.19 24.89
CA GLY A 22 4.29 -1.88 24.07
C GLY A 22 3.23 -2.60 24.90
N ASN A 23 2.84 -1.98 26.00
CA ASN A 23 1.83 -2.57 26.87
C ASN A 23 0.42 -2.09 26.50
N GLY A 24 0.34 -1.00 25.75
CA GLY A 24 -0.94 -0.47 25.35
C GLY A 24 -1.36 -0.95 23.97
N VAL A 25 -0.90 -2.14 23.59
CA VAL A 25 -1.24 -2.71 22.30
C VAL A 25 -2.68 -3.23 22.29
N SER A 26 -2.97 -4.11 21.33
CA SER A 26 -4.30 -4.69 21.20
C SER A 26 -5.38 -3.61 21.12
N CYS A 27 -6.62 -4.03 20.88
CA CYS A 27 -7.73 -3.10 20.77
C CYS A 27 -8.49 -2.99 22.09
N SER A 28 -8.61 -1.77 22.60
CA SER A 28 -9.31 -1.52 23.84
C SER A 28 -9.47 -0.03 24.11
N LYS A 29 -10.70 0.45 23.99
CA LYS A 29 -11.01 1.87 24.21
C LYS A 29 -10.22 2.78 23.28
N THR A 30 -9.44 2.19 22.38
CA THR A 30 -8.64 2.95 21.44
C THR A 30 -8.41 2.15 20.17
N LYS A 31 -7.92 2.82 19.12
CA LYS A 31 -7.66 2.16 17.85
C LYS A 31 -6.77 0.95 18.04
N CYS A 32 -6.40 0.30 16.94
CA CYS A 32 -5.55 -0.86 16.98
C CYS A 32 -4.26 -0.55 16.23
N SER A 33 -3.83 -1.47 15.42
CA SER A 33 -2.61 -1.33 14.63
C SER A 33 -2.83 -1.77 13.20
N VAL A 34 -2.24 -1.03 12.26
CA VAL A 34 -2.38 -1.36 10.84
C VAL A 34 -1.13 -2.04 10.31
N ASN A 35 -1.28 -2.75 9.19
CA ASN A 35 -0.16 -3.45 8.58
C ASN A 35 0.48 -2.62 7.48
N TRP A 36 0.63 -1.33 7.73
CA TRP A 36 1.23 -0.41 6.77
C TRP A 36 2.67 -0.79 6.47
N GLY A 37 3.27 -1.59 7.35
CA GLY A 37 4.66 -2.01 7.15
C GLY A 37 4.87 -2.69 5.82
N GLN A 38 4.11 -3.76 5.57
CA GLN A 38 4.22 -4.48 4.32
C GLN A 38 4.02 -3.53 3.16
N ALA A 39 2.89 -2.83 3.17
CA ALA A 39 2.60 -1.85 2.12
C ALA A 39 3.57 -0.69 2.14
N PHE A 40 4.37 -0.64 3.18
CA PHE A 40 5.38 0.39 3.29
C PHE A 40 6.42 0.14 2.22
N GLN A 41 6.74 -1.14 2.07
CA GLN A 41 7.67 -1.57 1.03
C GLN A 41 6.98 -1.44 -0.32
N GLU A 42 5.64 -1.51 -0.30
CA GLU A 42 4.83 -1.41 -1.51
C GLU A 42 4.87 0.02 -2.05
N ARG A 43 4.83 0.99 -1.15
CA ARG A 43 4.86 2.40 -1.53
C ARG A 43 6.20 2.76 -2.16
N TYR A 44 7.25 2.13 -1.68
CA TYR A 44 8.59 2.37 -2.19
C TYR A 44 8.73 1.87 -3.62
N THR A 45 8.01 0.81 -3.94
CA THR A 45 8.06 0.22 -5.27
C THR A 45 7.26 1.07 -6.26
N ALA A 46 6.13 1.61 -5.79
CA ALA A 46 5.29 2.45 -6.63
C ALA A 46 6.06 3.65 -7.16
N GLY A 47 6.85 4.27 -6.29
CA GLY A 47 7.63 5.43 -6.68
C GLY A 47 8.71 5.08 -7.69
N ILE A 48 9.52 4.08 -7.37
CA ILE A 48 10.59 3.65 -8.25
C ILE A 48 10.04 3.12 -9.57
N ASN A 49 8.83 2.59 -9.54
CA ASN A 49 8.20 2.05 -10.73
C ASN A 49 8.17 3.09 -11.86
N SER A 50 7.48 4.19 -11.62
CA SER A 50 7.37 5.26 -12.60
C SER A 50 8.76 5.82 -12.95
N PHE A 51 9.64 5.86 -11.96
CA PHE A 51 11.00 6.36 -12.16
C PHE A 51 11.76 5.49 -13.15
N VAL A 52 11.75 4.17 -12.91
CA VAL A 52 12.45 3.24 -13.77
C VAL A 52 12.02 3.39 -15.22
N SER A 53 10.82 2.91 -15.54
CA SER A 53 10.32 2.99 -16.91
C SER A 53 10.47 4.36 -17.50
N GLY A 54 9.95 5.37 -16.83
CA GLY A 54 10.10 6.72 -17.35
C GLY A 54 11.44 6.85 -18.04
N VAL A 55 12.46 6.32 -17.38
CA VAL A 55 13.81 6.30 -17.90
C VAL A 55 14.10 5.02 -18.68
N ALA A 56 14.20 3.90 -17.95
CA ALA A 56 14.53 2.60 -18.52
C ALA A 56 13.35 1.84 -19.10
N SER A 57 12.54 1.32 -18.20
CA SER A 57 11.38 0.49 -18.52
C SER A 57 10.31 1.20 -19.35
N GLY A 58 10.56 2.46 -19.72
CA GLY A 58 9.59 3.19 -20.52
C GLY A 58 9.85 3.07 -22.00
N ALA A 59 10.88 3.78 -22.48
CA ALA A 59 11.23 3.74 -23.89
C ALA A 59 12.14 2.56 -24.20
N GLY A 60 11.55 1.36 -24.19
CA GLY A 60 12.32 0.16 -24.47
C GLY A 60 12.32 -0.21 -25.93
N SER A 61 12.69 0.75 -26.78
CA SER A 61 12.74 0.52 -28.22
C SER A 61 14.17 0.39 -28.71
N ILE A 62 14.81 1.54 -28.92
CA ILE A 62 16.19 1.57 -29.39
C ILE A 62 16.81 2.95 -29.16
N GLY A 63 17.41 3.12 -27.99
CA GLY A 63 18.05 4.39 -27.66
C GLY A 63 17.04 5.43 -27.18
N ARG A 64 16.44 6.15 -28.12
CA ARG A 64 15.46 7.17 -27.79
C ARG A 64 14.24 6.55 -27.11
N MET A 1 13.28 -21.24 -30.48
CA MET A 1 11.94 -20.58 -30.43
C MET A 1 11.69 -19.96 -29.05
N ASN A 2 12.70 -19.27 -28.52
CA ASN A 2 12.59 -18.63 -27.23
C ASN A 2 12.02 -17.22 -27.36
N SER A 3 10.72 -17.08 -27.14
CA SER A 3 10.06 -15.78 -27.25
C SER A 3 10.30 -14.95 -25.98
N VAL A 4 10.85 -13.76 -26.16
CA VAL A 4 11.13 -12.88 -25.03
C VAL A 4 10.00 -11.88 -24.84
N LYS A 5 9.23 -11.64 -25.89
CA LYS A 5 8.10 -10.73 -25.82
C LYS A 5 6.88 -11.48 -25.27
N GLU A 6 6.79 -12.75 -25.64
CA GLU A 6 5.70 -13.59 -25.18
C GLU A 6 5.97 -14.06 -23.76
N LEU A 7 7.25 -14.32 -23.49
CA LEU A 7 7.67 -14.76 -22.16
C LEU A 7 7.64 -13.60 -21.16
N ASN A 8 7.77 -12.38 -21.68
CA ASN A 8 7.77 -11.20 -20.83
C ASN A 8 6.36 -10.89 -20.34
N VAL A 9 5.40 -11.10 -21.21
CA VAL A 9 4.00 -10.85 -20.89
C VAL A 9 3.44 -11.93 -19.96
N LYS A 10 4.04 -13.11 -20.00
CA LYS A 10 3.61 -14.22 -19.16
C LYS A 10 3.54 -13.81 -17.70
N GLU A 11 4.38 -12.86 -17.31
CA GLU A 11 4.40 -12.39 -15.93
C GLU A 11 3.06 -11.81 -15.52
N MET A 12 2.44 -11.07 -16.44
CA MET A 12 1.15 -10.46 -16.21
C MET A 12 0.03 -11.50 -16.33
N LYS A 13 0.17 -12.39 -17.30
CA LYS A 13 -0.84 -13.43 -17.54
C LYS A 13 -1.10 -14.23 -16.27
N GLN A 14 -0.04 -14.76 -15.66
CA GLN A 14 -0.18 -15.53 -14.44
C GLN A 14 -0.21 -14.63 -13.22
N LEU A 15 -0.45 -13.34 -13.45
CA LEU A 15 -0.54 -12.37 -12.38
C LEU A 15 -1.97 -12.25 -11.90
N HIS A 16 -2.80 -11.71 -12.79
CA HIS A 16 -4.22 -11.53 -12.50
C HIS A 16 -4.44 -10.93 -11.12
N GLY A 17 -3.49 -10.12 -10.68
CA GLY A 17 -3.59 -9.50 -9.37
C GLY A 17 -3.16 -10.42 -8.25
N GLY A 18 -3.34 -9.96 -7.01
CA GLY A 18 -2.97 -10.77 -5.87
C GLY A 18 -3.49 -10.21 -4.56
N VAL A 19 -4.29 -11.00 -3.85
CA VAL A 19 -4.87 -10.57 -2.59
C VAL A 19 -3.87 -10.77 -1.44
N ASN A 20 -4.09 -10.04 -0.35
CA ASN A 20 -3.22 -10.14 0.81
C ASN A 20 -4.03 -10.29 2.09
N TYR A 21 -4.96 -11.24 2.08
CA TYR A 21 -5.81 -11.49 3.24
C TYR A 21 -6.64 -10.26 3.59
N GLY A 22 -7.72 -10.06 2.85
CA GLY A 22 -8.58 -8.91 3.09
C GLY A 22 -9.76 -8.86 2.13
N ASN A 23 -10.35 -10.02 1.84
CA ASN A 23 -11.47 -10.09 0.93
C ASN A 23 -12.70 -9.39 1.51
N GLY A 24 -12.70 -9.22 2.83
CA GLY A 24 -13.82 -8.56 3.47
C GLY A 24 -13.76 -8.68 4.99
N VAL A 25 -12.79 -8.00 5.60
CA VAL A 25 -12.62 -8.04 7.05
C VAL A 25 -13.76 -7.30 7.75
N SER A 26 -13.93 -7.57 9.04
CA SER A 26 -14.98 -6.93 9.82
C SER A 26 -14.41 -5.85 10.72
N CYS A 27 -14.99 -4.65 10.65
CA CYS A 27 -14.55 -3.52 11.46
C CYS A 27 -15.58 -3.17 12.52
N SER A 28 -15.22 -3.34 13.79
CA SER A 28 -16.13 -3.03 14.89
C SER A 28 -15.38 -3.03 16.23
N LYS A 29 -15.26 -1.86 16.83
CA LYS A 29 -14.59 -1.72 18.12
C LYS A 29 -13.13 -2.15 18.05
N THR A 30 -12.65 -2.47 16.87
CA THR A 30 -11.26 -2.88 16.69
C THR A 30 -10.74 -2.53 15.30
N LYS A 31 -11.27 -1.45 14.74
CA LYS A 31 -10.85 -1.01 13.41
C LYS A 31 -10.88 -2.16 12.40
N CYS A 32 -10.17 -1.99 11.30
CA CYS A 32 -10.10 -2.98 10.27
C CYS A 32 -8.71 -3.60 10.29
N SER A 33 -8.15 -3.77 9.11
CA SER A 33 -6.82 -4.35 8.97
C SER A 33 -5.95 -3.52 8.05
N VAL A 34 -5.13 -2.66 8.65
CA VAL A 34 -4.23 -1.80 7.88
C VAL A 34 -2.81 -2.35 7.87
N ASN A 35 -2.02 -1.92 6.90
CA ASN A 35 -0.64 -2.37 6.77
C ASN A 35 0.31 -1.19 6.58
N TRP A 36 0.54 -0.46 7.66
CA TRP A 36 1.43 0.70 7.62
C TRP A 36 2.89 0.29 7.48
N GLY A 37 3.15 -1.02 7.60
CA GLY A 37 4.52 -1.51 7.47
C GLY A 37 4.73 -2.27 6.18
N GLN A 38 3.96 -3.33 6.00
CA GLN A 38 4.06 -4.15 4.79
C GLN A 38 3.88 -3.28 3.55
N ALA A 39 2.69 -2.70 3.39
CA ALA A 39 2.45 -1.84 2.24
C ALA A 39 3.31 -0.59 2.27
N PHE A 40 4.06 -0.46 3.34
CA PHE A 40 4.98 0.66 3.49
C PHE A 40 6.11 0.43 2.51
N GLN A 41 6.52 -0.83 2.44
CA GLN A 41 7.55 -1.25 1.51
C GLN A 41 6.98 -1.29 0.10
N GLU A 42 5.66 -1.44 0.01
CA GLU A 42 4.96 -1.50 -1.26
C GLU A 42 5.06 -0.16 -2.00
N ARG A 43 4.80 0.92 -1.27
CA ARG A 43 4.87 2.26 -1.85
C ARG A 43 6.25 2.54 -2.40
N TYR A 44 7.26 1.92 -1.83
CA TYR A 44 8.63 2.10 -2.26
C TYR A 44 8.81 1.59 -3.68
N THR A 45 8.20 0.45 -3.97
CA THR A 45 8.26 -0.16 -5.30
C THR A 45 7.47 0.66 -6.31
N ALA A 46 6.35 1.21 -5.86
CA ALA A 46 5.50 2.02 -6.72
C ALA A 46 6.24 3.25 -7.22
N GLY A 47 7.03 3.86 -6.34
CA GLY A 47 7.78 5.04 -6.72
C GLY A 47 8.84 4.75 -7.77
N ILE A 48 9.64 3.71 -7.53
CA ILE A 48 10.68 3.32 -8.45
C ILE A 48 10.10 2.89 -9.80
N ASN A 49 8.88 2.36 -9.76
CA ASN A 49 8.20 1.93 -10.97
C ASN A 49 8.15 3.04 -12.01
N SER A 50 7.42 4.11 -11.69
CA SER A 50 7.31 5.25 -12.58
C SER A 50 8.68 5.82 -12.91
N PHE A 51 9.60 5.70 -11.96
CA PHE A 51 10.96 6.19 -12.14
C PHE A 51 11.67 5.39 -13.23
N VAL A 52 11.58 4.07 -13.14
CA VAL A 52 12.22 3.20 -14.13
C VAL A 52 11.78 3.56 -15.54
N SER A 53 10.52 3.29 -15.87
CA SER A 53 10.00 3.57 -17.19
C SER A 53 10.34 4.96 -17.66
N GLY A 54 10.09 5.96 -16.82
CA GLY A 54 10.44 7.30 -17.23
C GLY A 54 11.76 7.28 -17.97
N VAL A 55 12.71 6.55 -17.38
CA VAL A 55 14.03 6.37 -17.95
C VAL A 55 14.12 5.12 -18.82
N ALA A 56 14.02 3.96 -18.17
CA ALA A 56 14.15 2.66 -18.82
C ALA A 56 12.88 2.14 -19.48
N SER A 57 11.96 1.69 -18.63
CA SER A 57 10.72 1.07 -19.06
C SER A 57 9.80 2.01 -19.85
N GLY A 58 10.27 3.22 -20.16
CA GLY A 58 9.46 4.16 -20.92
C GLY A 58 9.44 3.84 -22.40
N ALA A 59 10.62 3.91 -23.03
CA ALA A 59 10.74 3.63 -24.45
C ALA A 59 9.82 4.52 -25.27
N GLY A 60 9.63 5.75 -24.80
CA GLY A 60 8.77 6.70 -25.50
C GLY A 60 9.53 7.89 -26.04
N SER A 61 10.68 8.18 -25.44
CA SER A 61 11.50 9.30 -25.87
C SER A 61 12.98 8.93 -25.88
N ILE A 62 13.27 7.68 -26.23
CA ILE A 62 14.63 7.19 -26.28
C ILE A 62 15.30 7.53 -27.62
N GLY A 63 15.24 8.80 -27.99
CA GLY A 63 15.84 9.23 -29.24
C GLY A 63 14.80 9.59 -30.29
N ARG A 64 13.63 10.00 -29.84
CA ARG A 64 12.55 10.37 -30.75
C ARG A 64 12.16 9.19 -31.63
N MET A 1 -8.20 -19.72 -21.50
CA MET A 1 -6.75 -19.44 -21.74
C MET A 1 -5.87 -20.13 -20.71
N ASN A 2 -5.05 -21.06 -21.17
CA ASN A 2 -4.16 -21.80 -20.29
C ASN A 2 -2.82 -21.07 -20.13
N SER A 3 -2.59 -20.52 -18.94
CA SER A 3 -1.36 -19.79 -18.67
C SER A 3 -0.16 -20.73 -18.66
N VAL A 4 0.60 -20.72 -19.76
CA VAL A 4 1.77 -21.58 -19.87
C VAL A 4 3.03 -20.83 -19.47
N LYS A 5 2.98 -19.51 -19.60
CA LYS A 5 4.11 -18.66 -19.23
C LYS A 5 4.05 -18.38 -17.74
N GLU A 6 2.82 -18.27 -17.23
CA GLU A 6 2.60 -18.02 -15.81
C GLU A 6 2.76 -19.31 -15.03
N LEU A 7 2.34 -20.41 -15.65
CA LEU A 7 2.43 -21.72 -15.02
C LEU A 7 3.86 -22.24 -15.07
N ASN A 8 4.64 -21.76 -16.02
CA ASN A 8 6.03 -22.17 -16.17
C ASN A 8 6.93 -21.46 -15.17
N VAL A 9 6.66 -20.18 -14.98
CA VAL A 9 7.43 -19.37 -14.05
C VAL A 9 7.08 -19.69 -12.60
N LYS A 10 5.85 -20.16 -12.38
CA LYS A 10 5.40 -20.51 -11.04
C LYS A 10 6.30 -21.58 -10.41
N GLU A 11 6.97 -22.36 -11.26
CA GLU A 11 7.85 -23.41 -10.79
C GLU A 11 8.91 -22.85 -9.84
N MET A 12 9.92 -22.22 -10.42
CA MET A 12 11.01 -21.65 -9.64
C MET A 12 10.49 -20.74 -8.53
N LYS A 13 9.39 -20.04 -8.81
CA LYS A 13 8.79 -19.14 -7.84
C LYS A 13 8.50 -19.85 -6.53
N GLN A 14 7.66 -20.89 -6.58
CA GLN A 14 7.33 -21.65 -5.39
C GLN A 14 8.36 -22.74 -5.12
N LEU A 15 9.52 -22.61 -5.75
CA LEU A 15 10.60 -23.57 -5.57
C LEU A 15 11.51 -23.13 -4.43
N HIS A 16 11.83 -21.85 -4.42
CA HIS A 16 12.68 -21.26 -3.41
C HIS A 16 11.92 -21.02 -2.11
N GLY A 17 10.60 -20.92 -2.21
CA GLY A 17 9.77 -20.68 -1.04
C GLY A 17 9.90 -19.26 -0.53
N GLY A 18 9.29 -18.32 -1.26
CA GLY A 18 9.35 -16.93 -0.86
C GLY A 18 8.17 -16.52 0.00
N VAL A 19 8.11 -15.24 0.34
CA VAL A 19 7.03 -14.71 1.16
C VAL A 19 5.82 -14.33 0.31
N ASN A 20 4.67 -14.22 0.95
CA ASN A 20 3.43 -13.86 0.24
C ASN A 20 2.69 -12.75 0.96
N TYR A 21 3.39 -11.64 1.22
CA TYR A 21 2.82 -10.49 1.90
C TYR A 21 1.96 -10.92 3.10
N GLY A 22 2.62 -11.22 4.21
CA GLY A 22 1.92 -11.64 5.41
C GLY A 22 2.84 -11.84 6.59
N ASN A 23 3.22 -10.75 7.24
CA ASN A 23 4.11 -10.81 8.39
C ASN A 23 3.53 -11.70 9.49
N GLY A 24 2.21 -11.86 9.47
CA GLY A 24 1.54 -12.68 10.47
C GLY A 24 1.46 -12.01 11.82
N VAL A 25 0.46 -11.15 11.99
CA VAL A 25 0.27 -10.44 13.25
C VAL A 25 -0.51 -11.30 14.24
N SER A 26 -0.45 -10.94 15.52
CA SER A 26 -1.16 -11.69 16.55
C SER A 26 -1.71 -10.76 17.62
N CYS A 27 -3.04 -10.69 17.72
CA CYS A 27 -3.70 -9.85 18.70
C CYS A 27 -4.17 -10.68 19.88
N SER A 28 -3.61 -10.41 21.06
CA SER A 28 -3.98 -11.14 22.27
C SER A 28 -4.01 -10.23 23.49
N LYS A 29 -5.21 -10.02 24.04
CA LYS A 29 -5.39 -9.17 25.20
C LYS A 29 -4.91 -7.74 24.97
N THR A 30 -4.50 -7.46 23.73
CA THR A 30 -4.02 -6.14 23.37
C THR A 30 -4.27 -5.87 21.88
N LYS A 31 -4.09 -4.63 21.46
CA LYS A 31 -4.29 -4.26 20.06
C LYS A 31 -3.45 -5.15 19.16
N CYS A 32 -3.37 -4.80 17.88
CA CYS A 32 -2.62 -5.52 16.91
C CYS A 32 -1.45 -4.65 16.45
N SER A 33 -1.23 -4.64 15.17
CA SER A 33 -0.14 -3.86 14.57
C SER A 33 -0.51 -3.39 13.17
N VAL A 34 -0.37 -2.09 12.93
CA VAL A 34 -0.68 -1.51 11.63
C VAL A 34 0.38 -1.88 10.61
N ASN A 35 0.03 -1.78 9.32
CA ASN A 35 0.96 -2.10 8.26
C ASN A 35 1.70 -0.85 7.77
N TRP A 36 2.14 -0.03 8.72
CA TRP A 36 2.85 1.20 8.40
C TRP A 36 4.25 0.89 7.84
N GLY A 37 4.67 -0.37 7.96
CA GLY A 37 5.98 -0.77 7.47
C GLY A 37 5.88 -1.63 6.24
N GLN A 38 5.06 -2.68 6.32
CA GLN A 38 4.87 -3.58 5.19
C GLN A 38 4.45 -2.81 3.96
N ALA A 39 3.28 -2.18 4.01
CA ALA A 39 2.81 -1.39 2.88
C ALA A 39 3.68 -0.19 2.61
N PHE A 40 4.67 -0.01 3.46
CA PHE A 40 5.63 1.06 3.29
C PHE A 40 6.51 0.70 2.12
N GLN A 41 6.85 -0.59 2.06
CA GLN A 41 7.64 -1.13 0.99
C GLN A 41 6.77 -1.23 -0.27
N GLU A 42 5.46 -1.33 -0.05
CA GLU A 42 4.49 -1.42 -1.15
C GLU A 42 4.54 -0.16 -2.00
N ARG A 43 4.42 1.00 -1.34
CA ARG A 43 4.44 2.28 -2.03
C ARG A 43 5.81 2.53 -2.65
N TYR A 44 6.85 1.96 -2.04
CA TYR A 44 8.20 2.11 -2.53
C TYR A 44 8.35 1.43 -3.88
N THR A 45 7.81 0.23 -4.00
CA THR A 45 7.89 -0.53 -5.25
C THR A 45 7.18 0.21 -6.37
N ALA A 46 6.03 0.80 -6.05
CA ALA A 46 5.24 1.54 -7.02
C ALA A 46 6.02 2.78 -7.51
N GLY A 47 6.82 3.34 -6.62
CA GLY A 47 7.59 4.52 -6.98
C GLY A 47 8.70 4.21 -7.97
N ILE A 48 9.46 3.14 -7.70
CA ILE A 48 10.54 2.74 -8.59
C ILE A 48 10.01 2.41 -9.98
N ASN A 49 8.79 1.89 -10.03
CA ASN A 49 8.17 1.52 -11.30
C ASN A 49 8.14 2.72 -12.25
N SER A 50 7.40 3.75 -11.88
CA SER A 50 7.31 4.95 -12.69
C SER A 50 8.67 5.60 -12.86
N PHE A 51 9.51 5.45 -11.84
CA PHE A 51 10.86 6.00 -11.86
C PHE A 51 11.67 5.36 -13.00
N VAL A 52 11.56 4.05 -13.11
CA VAL A 52 12.28 3.31 -14.16
C VAL A 52 11.87 3.80 -15.54
N SER A 53 10.69 3.40 -16.00
CA SER A 53 10.21 3.78 -17.31
C SER A 53 10.37 5.25 -17.57
N GLY A 54 10.38 6.07 -16.55
CA GLY A 54 10.62 7.47 -16.78
C GLY A 54 11.97 7.61 -17.45
N VAL A 55 12.95 6.97 -16.84
CA VAL A 55 14.32 6.94 -17.33
C VAL A 55 14.60 5.75 -18.25
N ALA A 56 14.34 4.54 -17.74
CA ALA A 56 14.62 3.31 -18.44
C ALA A 56 13.55 2.87 -19.43
N SER A 57 12.46 2.38 -18.87
CA SER A 57 11.36 1.83 -19.64
C SER A 57 10.68 2.85 -20.56
N GLY A 58 11.18 4.09 -20.60
CA GLY A 58 10.62 5.12 -21.46
C GLY A 58 9.11 5.22 -21.36
N ALA A 59 8.57 4.86 -20.21
CA ALA A 59 7.14 4.90 -19.98
C ALA A 59 6.35 4.30 -21.14
N GLY A 60 6.92 3.28 -21.77
CA GLY A 60 6.26 2.65 -22.89
C GLY A 60 6.97 2.92 -24.21
N SER A 61 7.64 1.90 -24.74
CA SER A 61 8.36 2.05 -26.00
C SER A 61 7.42 1.91 -27.19
N ILE A 62 6.36 1.14 -27.02
CA ILE A 62 5.39 0.91 -28.08
C ILE A 62 4.08 0.35 -27.52
N GLY A 63 3.35 1.18 -26.80
CA GLY A 63 2.08 0.75 -26.23
C GLY A 63 1.69 1.54 -24.99
N ARG A 64 1.14 0.85 -24.00
CA ARG A 64 0.72 1.49 -22.76
C ARG A 64 -0.34 2.56 -23.05
N MET A 1 -26.36 4.31 11.21
CA MET A 1 -25.35 4.70 12.24
C MET A 1 -25.71 4.13 13.60
N ASN A 2 -26.40 3.00 13.60
CA ASN A 2 -26.81 2.36 14.85
C ASN A 2 -25.74 1.40 15.35
N SER A 3 -24.60 1.96 15.75
CA SER A 3 -23.49 1.15 16.25
C SER A 3 -23.54 1.03 17.76
N VAL A 4 -24.14 -0.05 18.24
CA VAL A 4 -24.26 -0.29 19.68
C VAL A 4 -23.13 -1.18 20.17
N LYS A 5 -22.59 -1.99 19.26
CA LYS A 5 -21.48 -2.87 19.59
C LYS A 5 -20.18 -2.10 19.45
N GLU A 6 -20.17 -1.13 18.55
CA GLU A 6 -19.00 -0.30 18.33
C GLU A 6 -18.91 0.76 19.42
N LEU A 7 -20.05 1.31 19.78
CA LEU A 7 -20.12 2.33 20.82
C LEU A 7 -19.89 1.72 22.20
N ASN A 8 -20.21 0.44 22.33
CA ASN A 8 -20.05 -0.26 23.60
C ASN A 8 -18.56 -0.41 23.94
N VAL A 9 -17.75 -0.55 22.91
CA VAL A 9 -16.31 -0.70 23.09
C VAL A 9 -15.66 0.63 23.45
N LYS A 10 -16.20 1.72 22.91
CA LYS A 10 -15.68 3.05 23.18
C LYS A 10 -15.62 3.33 24.69
N GLU A 11 -16.46 2.64 25.45
CA GLU A 11 -16.50 2.83 26.89
C GLU A 11 -15.12 2.60 27.52
N MET A 12 -14.69 1.34 27.48
CA MET A 12 -13.40 0.97 28.03
C MET A 12 -12.25 1.54 27.21
N LYS A 13 -12.48 1.67 25.91
CA LYS A 13 -11.48 2.21 24.99
C LYS A 13 -10.99 3.57 25.47
N GLN A 14 -11.92 4.52 25.59
CA GLN A 14 -11.56 5.86 26.04
C GLN A 14 -11.54 5.95 27.56
N LEU A 15 -11.48 4.79 28.21
CA LEU A 15 -11.43 4.73 29.67
C LEU A 15 -10.00 4.78 30.15
N HIS A 16 -9.24 3.76 29.76
CA HIS A 16 -7.84 3.65 30.14
C HIS A 16 -6.96 4.47 29.19
N GLY A 17 -7.45 4.71 27.99
CA GLY A 17 -6.69 5.47 27.02
C GLY A 17 -6.86 6.97 27.19
N GLY A 18 -6.73 7.71 26.09
CA GLY A 18 -6.87 9.15 26.14
C GLY A 18 -5.76 9.87 25.38
N VAL A 19 -6.03 11.10 24.96
CA VAL A 19 -5.06 11.88 24.22
C VAL A 19 -3.78 12.08 25.04
N ASN A 20 -2.67 11.58 24.52
CA ASN A 20 -1.39 11.70 25.20
C ASN A 20 -0.23 11.54 24.23
N TYR A 21 -0.07 12.51 23.34
CA TYR A 21 1.01 12.46 22.35
C TYR A 21 0.87 11.24 21.45
N GLY A 22 -0.37 10.90 21.09
CA GLY A 22 -0.61 9.76 20.24
C GLY A 22 -1.23 8.59 21.00
N ASN A 23 -0.84 8.45 22.26
CA ASN A 23 -1.35 7.37 23.10
C ASN A 23 -0.97 6.00 22.58
N GLY A 24 -0.13 5.96 21.55
CA GLY A 24 0.29 4.70 20.98
C GLY A 24 -0.78 4.04 20.13
N VAL A 25 -1.29 4.78 19.15
CA VAL A 25 -2.33 4.29 18.25
C VAL A 25 -3.39 3.49 19.00
N SER A 26 -4.17 2.69 18.26
CA SER A 26 -5.22 1.87 18.86
C SER A 26 -4.89 0.39 18.73
N CYS A 27 -4.68 -0.26 19.86
CA CYS A 27 -4.36 -1.69 19.88
C CYS A 27 -5.63 -2.53 19.94
N SER A 28 -5.89 -3.26 18.86
CA SER A 28 -7.07 -4.12 18.77
C SER A 28 -6.87 -5.24 17.76
N LYS A 29 -5.62 -5.51 17.44
CA LYS A 29 -5.27 -6.56 16.49
C LYS A 29 -3.81 -6.98 16.61
N THR A 30 -2.97 -6.04 16.99
CA THR A 30 -1.56 -6.30 17.13
C THR A 30 -1.01 -5.64 18.40
N LYS A 31 0.25 -5.92 18.72
CA LYS A 31 0.89 -5.36 19.92
C LYS A 31 1.11 -3.86 19.82
N CYS A 32 0.27 -3.21 19.07
CA CYS A 32 0.33 -1.76 18.89
C CYS A 32 1.48 -1.39 17.94
N SER A 33 1.34 -1.77 16.68
CA SER A 33 2.36 -1.48 15.67
C SER A 33 1.80 -1.60 14.26
N VAL A 34 1.29 -0.49 13.73
CA VAL A 34 0.72 -0.48 12.40
C VAL A 34 1.76 -0.89 11.36
N ASN A 35 1.28 -1.29 10.18
CA ASN A 35 2.19 -1.71 9.11
C ASN A 35 2.68 -0.51 8.29
N TRP A 36 3.21 0.49 8.99
CA TRP A 36 3.72 1.69 8.34
C TRP A 36 5.07 1.43 7.68
N GLY A 37 5.62 0.23 7.88
CA GLY A 37 6.90 -0.11 7.29
C GLY A 37 6.77 -1.13 6.19
N GLN A 38 6.07 -2.23 6.47
CA GLN A 38 5.88 -3.27 5.48
C GLN A 38 5.26 -2.69 4.21
N ALA A 39 4.01 -2.21 4.32
CA ALA A 39 3.35 -1.61 3.16
C ALA A 39 4.05 -0.35 2.69
N PHE A 40 5.05 0.04 3.44
CA PHE A 40 5.84 1.20 3.08
C PHE A 40 6.68 0.81 1.87
N GLN A 41 7.15 -0.43 1.90
CA GLN A 41 7.91 -0.99 0.80
C GLN A 41 6.94 -1.28 -0.35
N GLU A 42 5.68 -1.52 0.01
CA GLU A 42 4.63 -1.79 -0.95
C GLU A 42 4.35 -0.55 -1.78
N ARG A 43 4.42 0.61 -1.14
CA ARG A 43 4.18 1.88 -1.80
C ARG A 43 5.36 2.26 -2.69
N TYR A 44 6.55 1.93 -2.21
CA TYR A 44 7.78 2.21 -2.95
C TYR A 44 7.76 1.48 -4.28
N THR A 45 7.20 0.28 -4.29
CA THR A 45 7.12 -0.53 -5.50
C THR A 45 6.37 0.24 -6.59
N ALA A 46 5.32 0.94 -6.20
CA ALA A 46 4.53 1.72 -7.15
C ALA A 46 5.31 2.93 -7.64
N GLY A 47 6.19 3.47 -6.80
CA GLY A 47 6.98 4.62 -7.17
C GLY A 47 8.15 4.25 -8.06
N ILE A 48 8.89 3.22 -7.69
CA ILE A 48 10.04 2.77 -8.46
C ILE A 48 9.67 2.52 -9.91
N ASN A 49 8.50 1.92 -10.14
CA ASN A 49 8.04 1.63 -11.49
C ASN A 49 8.04 2.89 -12.35
N SER A 50 7.65 4.01 -11.76
CA SER A 50 7.60 5.27 -12.47
C SER A 50 9.00 5.81 -12.73
N PHE A 51 9.84 5.78 -11.71
CA PHE A 51 11.21 6.26 -11.82
C PHE A 51 11.98 5.46 -12.88
N VAL A 52 11.84 4.14 -12.84
CA VAL A 52 12.52 3.28 -13.79
C VAL A 52 12.22 3.69 -15.22
N SER A 53 11.02 3.40 -15.70
CA SER A 53 10.63 3.74 -17.06
C SER A 53 10.97 5.16 -17.42
N GLY A 54 10.52 6.11 -16.62
CA GLY A 54 10.84 7.49 -16.91
C GLY A 54 12.24 7.57 -17.50
N VAL A 55 13.14 6.82 -16.87
CA VAL A 55 14.51 6.73 -17.31
C VAL A 55 14.73 5.56 -18.27
N ALA A 56 14.66 4.34 -17.72
CA ALA A 56 14.89 3.12 -18.48
C ALA A 56 13.68 2.61 -19.24
N SER A 57 12.76 2.03 -18.47
CA SER A 57 11.55 1.41 -19.00
C SER A 57 10.60 2.38 -19.71
N GLY A 58 11.04 3.62 -19.93
CA GLY A 58 10.21 4.59 -20.59
C GLY A 58 11.00 5.55 -21.46
N ALA A 59 11.80 5.00 -22.35
CA ALA A 59 12.62 5.82 -23.25
C ALA A 59 12.77 5.15 -24.61
N GLY A 60 13.03 3.85 -24.60
CA GLY A 60 13.18 3.12 -25.83
C GLY A 60 14.33 3.65 -26.68
N SER A 61 15.52 3.08 -26.48
CA SER A 61 16.70 3.50 -27.22
C SER A 61 17.08 2.47 -28.28
N ILE A 62 16.59 1.24 -28.11
CA ILE A 62 16.88 0.16 -29.04
C ILE A 62 15.69 -0.11 -29.95
N GLY A 63 15.28 0.91 -30.70
CA GLY A 63 14.15 0.76 -31.61
C GLY A 63 12.85 0.53 -30.87
N ARG A 64 12.33 -0.69 -30.97
CA ARG A 64 11.07 -1.05 -30.32
C ARG A 64 9.92 -0.18 -30.83
#